data_6KBV
#
_entry.id   6KBV
#
loop_
_entity.id
_entity.type
_entity.pdbx_description
1 polymer VG16KRKP
2 polymer 'Heparin cofactor 2'
#
loop_
_entity_poly.entity_id
_entity_poly.type
_entity_poly.pdbx_seq_one_letter_code
_entity_poly.pdbx_strand_id
1 'polypeptide(L)' VARGWKRKCPLFGKGG A
2 'polypeptide(L)' KYEITTIHNLFRKLTHRLFRRNFGYTLR B
#
# COMPACT_ATOMS: atom_id res chain seq x y z
N VAL A 1 5.44 -8.07 -4.66
CA VAL A 1 5.45 -7.52 -3.32
C VAL A 1 4.30 -6.55 -3.10
N ALA A 2 3.19 -6.81 -3.78
CA ALA A 2 2.01 -5.96 -3.67
C ALA A 2 0.88 -6.68 -2.93
N ARG A 3 0.71 -6.35 -1.66
CA ARG A 3 -0.33 -6.97 -0.85
C ARG A 3 -1.30 -5.92 -0.31
N GLY A 4 -0.95 -4.64 -0.49
CA GLY A 4 -1.80 -3.56 -0.02
C GLY A 4 -2.79 -3.11 -1.08
N TRP A 5 -2.69 -3.68 -2.27
CA TRP A 5 -3.58 -3.33 -3.37
C TRP A 5 -4.34 -4.55 -3.86
N LYS A 6 -3.95 -5.72 -3.37
CA LYS A 6 -4.60 -6.97 -3.77
C LYS A 6 -5.45 -7.52 -2.63
N ARG A 7 -5.24 -7.00 -1.43
CA ARG A 7 -6.00 -7.44 -0.26
C ARG A 7 -6.89 -6.32 0.27
N LYS A 8 -6.40 -5.08 0.19
CA LYS A 8 -7.15 -3.92 0.66
C LYS A 8 -8.32 -3.62 -0.27
N CYS A 9 -9.41 -4.37 -0.10
CA CYS A 9 -10.60 -4.18 -0.91
C CYS A 9 -11.40 -2.97 -0.45
N PRO A 10 -11.89 -3.04 0.80
CA PRO A 10 -12.68 -1.95 1.39
C PRO A 10 -11.83 -0.71 1.67
N LEU A 11 -10.54 -0.91 1.88
CA LEU A 11 -9.63 0.19 2.15
C LEU A 11 -9.33 0.98 0.89
N PHE A 12 -8.48 0.42 0.04
CA PHE A 12 -8.10 1.07 -1.22
C PHE A 12 -9.32 1.29 -2.11
N GLY A 13 -10.38 0.54 -1.83
CA GLY A 13 -11.61 0.67 -2.61
C GLY A 13 -12.32 1.98 -2.37
N LYS A 14 -13.07 2.05 -1.27
CA LYS A 14 -13.81 3.25 -0.93
C LYS A 14 -13.30 3.85 0.37
N GLY A 15 -12.48 3.08 1.09
CA GLY A 15 -11.94 3.55 2.35
C GLY A 15 -11.28 4.92 2.23
N GLY A 16 -10.76 5.22 1.04
CA GLY A 16 -10.12 6.50 0.82
C GLY A 16 -11.11 7.64 0.74
N LYS B 1 -4.36 8.00 0.41
CA LYS B 1 -3.06 7.75 0.99
C LYS B 1 -2.51 6.40 0.51
N TYR B 2 -2.98 5.97 -0.66
CA TYR B 2 -2.53 4.70 -1.23
C TYR B 2 -1.82 4.92 -2.56
N GLU B 3 -2.20 5.98 -3.26
CA GLU B 3 -1.61 6.30 -4.55
C GLU B 3 -0.09 6.42 -4.43
N ILE B 4 0.37 6.96 -3.31
CA ILE B 4 1.80 7.13 -3.06
C ILE B 4 2.48 5.78 -2.85
N THR B 5 1.69 4.78 -2.47
CA THR B 5 2.22 3.44 -2.23
C THR B 5 2.22 2.61 -3.51
N THR B 6 1.32 2.95 -4.43
CA THR B 6 1.21 2.23 -5.70
C THR B 6 2.19 2.80 -6.72
N ILE B 7 2.45 4.09 -6.63
CA ILE B 7 3.37 4.75 -7.56
C ILE B 7 4.82 4.47 -7.18
N HIS B 8 5.06 4.32 -5.88
CA HIS B 8 6.41 4.05 -5.38
C HIS B 8 6.78 2.58 -5.59
N ASN B 9 5.76 1.74 -5.73
CA ASN B 9 5.99 0.31 -5.94
C ASN B 9 6.81 0.06 -7.20
N LEU B 10 6.77 1.01 -8.12
CA LEU B 10 7.51 0.89 -9.38
C LEU B 10 8.92 1.46 -9.23
N PHE B 11 9.22 1.99 -8.04
CA PHE B 11 10.52 2.56 -7.77
C PHE B 11 11.36 1.63 -6.91
N ARG B 12 11.99 0.65 -7.55
CA ARG B 12 12.82 -0.31 -6.84
C ARG B 12 13.86 0.40 -5.97
N LYS B 13 14.26 1.59 -6.40
CA LYS B 13 15.25 2.37 -5.67
C LYS B 13 14.65 2.94 -4.39
N LEU B 14 13.37 3.30 -4.45
CA LEU B 14 12.68 3.85 -3.29
C LEU B 14 12.27 2.76 -2.33
N THR B 15 12.76 2.83 -1.10
CA THR B 15 12.43 1.85 -0.08
C THR B 15 10.97 1.96 0.35
N HIS B 16 10.17 0.97 -0.02
CA HIS B 16 8.76 0.97 0.33
C HIS B 16 8.41 -0.27 1.15
N ARG B 17 8.17 -0.06 2.45
CA ARG B 17 7.83 -1.16 3.35
C ARG B 17 6.46 -0.94 3.97
N LEU B 18 5.91 0.25 3.78
CA LEU B 18 4.60 0.59 4.33
C LEU B 18 3.49 -0.08 3.53
N PHE B 19 3.86 -0.73 2.43
CA PHE B 19 2.89 -1.41 1.58
C PHE B 19 2.58 -2.80 2.11
N ARG B 20 3.54 -3.37 2.86
CA ARG B 20 3.36 -4.70 3.43
C ARG B 20 3.39 -4.65 4.94
N ARG B 21 4.08 -3.65 5.49
CA ARG B 21 4.18 -3.49 6.93
C ARG B 21 3.05 -2.62 7.46
N ASN B 22 2.47 -1.80 6.58
CA ASN B 22 1.38 -0.92 6.96
C ASN B 22 0.10 -1.28 6.21
N PHE B 23 0.22 -1.45 4.89
CA PHE B 23 -0.93 -1.79 4.07
C PHE B 23 -1.02 -3.30 3.87
N GLY B 24 -0.14 -4.03 4.56
CA GLY B 24 -0.14 -5.48 4.45
C GLY B 24 -0.37 -6.17 5.78
N TYR B 25 0.20 -5.60 6.83
CA TYR B 25 0.06 -6.17 8.17
C TYR B 25 -1.41 -6.22 8.58
N THR B 26 -2.24 -5.42 7.93
CA THR B 26 -3.67 -5.38 8.22
C THR B 26 -4.26 -6.78 8.22
N LEU B 27 -3.72 -7.66 7.39
CA LEU B 27 -4.20 -9.02 7.29
C LEU B 27 -4.27 -9.68 8.67
N ARG B 28 -3.37 -9.26 9.56
CA ARG B 28 -3.34 -9.80 10.91
C ARG B 28 -4.20 -8.97 11.86
N VAL A 1 -8.88 -10.08 -6.92
CA VAL A 1 -9.82 -9.15 -6.31
C VAL A 1 -9.10 -8.01 -5.61
N ALA A 2 -9.72 -6.83 -5.61
CA ALA A 2 -9.12 -5.66 -4.96
C ALA A 2 -9.38 -5.67 -3.46
N ARG A 3 -8.63 -6.49 -2.73
CA ARG A 3 -8.78 -6.59 -1.30
C ARG A 3 -7.49 -6.22 -0.59
N GLY A 4 -6.38 -6.28 -1.32
CA GLY A 4 -5.10 -5.95 -0.74
C GLY A 4 -5.00 -4.50 -0.31
N TRP A 5 -5.90 -3.66 -0.84
CA TRP A 5 -5.92 -2.25 -0.52
C TRP A 5 -7.27 -1.84 0.06
N LYS A 6 -8.17 -2.81 0.21
CA LYS A 6 -9.49 -2.55 0.74
C LYS A 6 -9.73 -3.33 2.04
N ARG A 7 -8.82 -4.26 2.33
CA ARG A 7 -8.92 -5.07 3.54
C ARG A 7 -8.06 -4.48 4.66
N LYS A 8 -7.00 -3.78 4.29
CA LYS A 8 -6.10 -3.16 5.27
C LYS A 8 -6.61 -1.78 5.66
N CYS A 9 -6.29 -0.79 4.83
CA CYS A 9 -6.70 0.59 5.09
C CYS A 9 -7.45 1.17 3.90
N PRO A 10 -8.58 1.83 4.17
CA PRO A 10 -9.42 2.44 3.13
C PRO A 10 -8.75 3.65 2.50
N LEU A 11 -7.43 3.62 2.41
CA LEU A 11 -6.66 4.72 1.82
C LEU A 11 -5.80 4.22 0.65
N PHE A 12 -5.30 3.00 0.78
CA PHE A 12 -4.46 2.41 -0.26
C PHE A 12 -5.31 1.96 -1.44
N GLY A 13 -6.62 1.90 -1.24
CA GLY A 13 -7.52 1.49 -2.30
C GLY A 13 -7.99 2.66 -3.15
N LYS A 14 -8.56 3.66 -2.49
CA LYS A 14 -9.07 4.84 -3.20
C LYS A 14 -7.95 5.85 -3.41
N GLY A 15 -7.05 5.96 -2.44
CA GLY A 15 -5.95 6.89 -2.54
C GLY A 15 -5.18 6.75 -3.85
N GLY A 16 -4.39 5.68 -3.95
CA GLY A 16 -3.62 5.44 -5.15
C GLY A 16 -4.47 5.47 -6.40
N LYS B 1 -5.79 -5.27 -9.55
CA LYS B 1 -5.22 -4.07 -10.17
C LYS B 1 -4.23 -3.39 -9.24
N TYR B 2 -3.14 -4.07 -8.93
CA TYR B 2 -2.12 -3.53 -8.05
C TYR B 2 -0.98 -2.90 -8.85
N GLU B 3 -1.33 -2.04 -9.79
CA GLU B 3 -0.34 -1.38 -10.63
C GLU B 3 -0.45 0.14 -10.49
N ILE B 4 -1.50 0.60 -9.82
CA ILE B 4 -1.71 2.02 -9.61
C ILE B 4 -1.78 2.36 -8.13
N THR B 5 -2.31 1.44 -7.34
CA THR B 5 -2.42 1.63 -5.90
C THR B 5 -1.25 0.99 -5.16
N THR B 6 -0.40 0.29 -5.90
CA THR B 6 0.75 -0.38 -5.32
C THR B 6 2.05 0.12 -5.94
N ILE B 7 1.93 0.74 -7.11
CA ILE B 7 3.10 1.26 -7.81
C ILE B 7 3.73 2.41 -7.04
N HIS B 8 2.89 3.25 -6.43
CA HIS B 8 3.37 4.38 -5.66
C HIS B 8 4.19 3.91 -4.46
N ASN B 9 4.06 2.63 -4.13
CA ASN B 9 4.78 2.06 -3.00
C ASN B 9 6.25 1.86 -3.34
N LEU B 10 6.59 2.03 -4.61
CA LEU B 10 7.96 1.87 -5.08
C LEU B 10 8.79 3.10 -4.76
N PHE B 11 8.14 4.12 -4.19
CA PHE B 11 8.83 5.36 -3.83
C PHE B 11 9.75 5.14 -2.64
N ARG B 12 10.88 4.48 -2.89
CA ARG B 12 11.85 4.21 -1.83
C ARG B 12 12.20 5.50 -1.08
N LYS B 13 12.25 6.60 -1.81
CA LYS B 13 12.59 7.90 -1.22
C LYS B 13 11.57 8.28 -0.15
N LEU B 14 10.32 7.90 -0.37
CA LEU B 14 9.25 8.21 0.59
C LEU B 14 9.05 7.06 1.57
N THR B 15 8.43 5.98 1.10
CA THR B 15 8.19 4.81 1.93
C THR B 15 8.85 3.57 1.36
N HIS B 16 9.86 3.06 2.08
CA HIS B 16 10.59 1.88 1.63
C HIS B 16 9.68 0.65 1.67
N ARG B 17 9.45 0.13 2.88
CA ARG B 17 8.62 -1.05 3.05
C ARG B 17 7.25 -0.66 3.62
N LEU B 18 6.29 -0.44 2.74
CA LEU B 18 4.94 -0.06 3.16
C LEU B 18 3.92 -1.08 2.65
N PHE B 19 4.32 -1.89 1.68
CA PHE B 19 3.43 -2.89 1.10
C PHE B 19 3.60 -4.23 1.82
N ARG B 20 4.79 -4.47 2.36
CA ARG B 20 5.07 -5.71 3.07
C ARG B 20 5.20 -5.46 4.57
N ARG B 21 5.58 -4.24 4.94
CA ARG B 21 5.74 -3.88 6.34
C ARG B 21 4.46 -3.26 6.89
N ASN B 22 3.58 -2.81 5.98
CA ASN B 22 2.32 -2.21 6.38
C ASN B 22 1.15 -2.98 5.79
N PHE B 23 1.22 -3.26 4.49
CA PHE B 23 0.15 -4.00 3.82
C PHE B 23 0.54 -5.46 3.63
N GLY B 24 1.60 -5.88 4.30
CA GLY B 24 2.06 -7.25 4.19
C GLY B 24 1.47 -8.15 5.25
N TYR B 25 0.91 -7.54 6.29
CA TYR B 25 0.30 -8.30 7.39
C TYR B 25 -0.78 -9.24 6.87
N THR B 26 -1.37 -8.88 5.73
CA THR B 26 -2.42 -9.69 5.13
C THR B 26 -1.97 -11.14 4.95
N LEU B 27 -0.69 -11.33 4.69
CA LEU B 27 -0.13 -12.66 4.52
C LEU B 27 0.24 -13.28 5.86
N ARG B 28 0.66 -12.44 6.80
CA ARG B 28 1.06 -12.89 8.13
C ARG B 28 -0.07 -12.66 9.13
N VAL A 1 2.48 11.07 6.03
CA VAL A 1 1.53 10.33 6.85
C VAL A 1 0.85 9.23 6.04
N ALA A 2 0.90 8.01 6.55
CA ALA A 2 0.29 6.86 5.87
C ALA A 2 -0.97 6.40 6.60
N ARG A 3 -2.10 7.02 6.26
CA ARG A 3 -3.37 6.67 6.88
C ARG A 3 -4.36 6.17 5.84
N GLY A 4 -4.12 6.50 4.58
CA GLY A 4 -5.00 6.08 3.50
C GLY A 4 -5.04 4.57 3.35
N TRP A 5 -4.03 3.90 3.89
CA TRP A 5 -3.95 2.45 3.80
C TRP A 5 -3.88 1.82 5.19
N LYS A 6 -3.74 2.66 6.21
CA LYS A 6 -3.66 2.20 7.59
C LYS A 6 -5.01 2.34 8.28
N ARG A 7 -5.87 3.19 7.73
CA ARG A 7 -7.20 3.40 8.30
C ARG A 7 -8.28 3.06 7.29
N LYS A 8 -8.03 3.34 6.02
CA LYS A 8 -8.99 3.05 4.96
C LYS A 8 -8.76 1.65 4.40
N CYS A 9 -9.17 0.64 5.16
CA CYS A 9 -9.02 -0.75 4.72
C CYS A 9 -10.05 -1.10 3.66
N PRO A 10 -11.33 -1.03 4.04
CA PRO A 10 -12.44 -1.35 3.13
C PRO A 10 -12.60 -0.31 2.03
N LEU A 11 -11.87 0.78 2.14
CA LEU A 11 -11.93 1.87 1.16
C LEU A 11 -10.79 1.75 0.16
N PHE A 12 -9.57 2.00 0.64
CA PHE A 12 -8.38 1.93 -0.21
C PHE A 12 -8.00 0.49 -0.50
N GLY A 13 -8.12 -0.36 0.53
CA GLY A 13 -7.77 -1.77 0.37
C GLY A 13 -8.70 -2.48 -0.61
N LYS A 14 -9.54 -3.35 -0.09
CA LYS A 14 -10.48 -4.11 -0.92
C LYS A 14 -11.44 -3.16 -1.64
N GLY A 15 -11.53 -1.93 -1.14
CA GLY A 15 -12.42 -0.96 -1.76
C GLY A 15 -11.82 -0.34 -3.00
N GLY A 16 -10.50 -0.33 -3.08
CA GLY A 16 -9.83 0.24 -4.24
C GLY A 16 -10.20 -0.46 -5.53
N LYS B 1 -7.66 7.60 -5.48
CA LYS B 1 -7.68 7.49 -4.03
C LYS B 1 -6.26 7.42 -3.47
N TYR B 2 -5.49 6.45 -3.96
CA TYR B 2 -4.12 6.26 -3.50
C TYR B 2 -3.13 6.75 -4.56
N GLU B 3 -2.91 8.06 -4.58
CA GLU B 3 -1.98 8.65 -5.54
C GLU B 3 -0.87 9.41 -4.82
N ILE B 4 -0.93 9.43 -3.49
CA ILE B 4 0.07 10.11 -2.69
C ILE B 4 0.76 9.13 -1.72
N THR B 5 0.00 8.13 -1.27
CA THR B 5 0.54 7.14 -0.35
C THR B 5 0.98 5.89 -1.09
N THR B 6 0.88 5.92 -2.42
CA THR B 6 1.28 4.79 -3.25
C THR B 6 2.40 5.16 -4.19
N ILE B 7 2.43 6.42 -4.60
CA ILE B 7 3.47 6.91 -5.51
C ILE B 7 4.86 6.66 -4.92
N HIS B 8 4.98 6.76 -3.61
CA HIS B 8 6.25 6.55 -2.93
C HIS B 8 6.53 5.06 -2.75
N ASN B 9 5.52 4.23 -3.01
CA ASN B 9 5.65 2.79 -2.89
C ASN B 9 6.26 2.19 -4.15
N LEU B 10 6.20 2.94 -5.24
CA LEU B 10 6.74 2.48 -6.52
C LEU B 10 8.25 2.28 -6.43
N PHE B 11 8.85 2.86 -5.39
CA PHE B 11 10.29 2.74 -5.19
C PHE B 11 10.67 1.36 -4.68
N ARG B 12 10.58 0.36 -5.56
CA ARG B 12 10.91 -1.00 -5.21
C ARG B 12 12.38 -1.14 -4.87
N LYS B 13 13.22 -0.38 -5.57
CA LYS B 13 14.66 -0.43 -5.34
C LYS B 13 15.00 -0.05 -3.90
N LEU B 14 14.20 0.84 -3.33
CA LEU B 14 14.41 1.27 -1.95
C LEU B 14 13.95 0.20 -0.96
N THR B 15 12.63 0.00 -0.88
CA THR B 15 12.07 -1.00 0.02
C THR B 15 11.33 -2.08 -0.75
N HIS B 16 11.78 -3.33 -0.60
CA HIS B 16 11.16 -4.45 -1.29
C HIS B 16 9.65 -4.46 -1.05
N ARG B 17 9.25 -4.88 0.15
CA ARG B 17 7.83 -4.94 0.50
C ARG B 17 7.40 -3.68 1.25
N LEU B 18 6.78 -2.76 0.53
CA LEU B 18 6.32 -1.51 1.13
C LEU B 18 4.81 -1.35 0.96
N PHE B 19 4.22 -2.21 0.14
CA PHE B 19 2.79 -2.17 -0.10
C PHE B 19 2.07 -3.25 0.68
N ARG B 20 2.80 -4.29 1.06
CA ARG B 20 2.23 -5.39 1.82
C ARG B 20 2.76 -5.40 3.26
N ARG B 21 4.08 -5.26 3.40
CA ARG B 21 4.71 -5.24 4.71
C ARG B 21 4.53 -3.88 5.39
N ASN B 22 4.07 -2.90 4.61
CA ASN B 22 3.86 -1.56 5.13
C ASN B 22 2.40 -1.13 4.99
N PHE B 23 1.91 -1.15 3.75
CA PHE B 23 0.53 -0.77 3.48
C PHE B 23 -0.38 -2.00 3.48
N GLY B 24 0.15 -3.12 3.93
CA GLY B 24 -0.62 -4.35 3.98
C GLY B 24 -0.74 -4.91 5.38
N TYR B 25 0.23 -4.60 6.23
CA TYR B 25 0.23 -5.07 7.60
C TYR B 25 -1.07 -4.71 8.31
N THR B 26 -1.71 -3.62 7.85
CA THR B 26 -2.96 -3.17 8.43
C THR B 26 -3.98 -4.30 8.48
N LEU B 27 -3.93 -5.18 7.48
CA LEU B 27 -4.86 -6.31 7.41
C LEU B 27 -4.29 -7.53 8.14
N ARG B 28 -2.97 -7.62 8.18
CA ARG B 28 -2.30 -8.74 8.84
C ARG B 28 -1.73 -8.30 10.19
N VAL A 1 -1.17 -12.83 3.87
CA VAL A 1 -2.48 -12.67 3.25
C VAL A 1 -2.63 -11.28 2.65
N ALA A 2 -3.32 -11.20 1.52
CA ALA A 2 -3.54 -9.93 0.84
C ALA A 2 -4.61 -9.11 1.55
N ARG A 3 -4.18 -8.22 2.45
CA ARG A 3 -5.09 -7.38 3.20
C ARG A 3 -4.83 -5.90 2.91
N GLY A 4 -3.63 -5.60 2.43
CA GLY A 4 -3.28 -4.24 2.12
C GLY A 4 -4.15 -3.64 1.02
N TRP A 5 -4.79 -4.51 0.25
CA TRP A 5 -5.65 -4.06 -0.84
C TRP A 5 -7.07 -4.59 -0.65
N LYS A 6 -7.26 -5.43 0.35
CA LYS A 6 -8.57 -6.01 0.63
C LYS A 6 -9.21 -5.33 1.84
N ARG A 7 -8.38 -4.66 2.64
CA ARG A 7 -8.88 -3.97 3.83
C ARG A 7 -8.84 -2.46 3.64
N LYS A 8 -7.87 -1.98 2.86
CA LYS A 8 -7.73 -0.56 2.60
C LYS A 8 -8.83 -0.07 1.65
N CYS A 9 -10.00 0.21 2.23
CA CYS A 9 -11.14 0.68 1.44
C CYS A 9 -10.93 2.13 1.02
N PRO A 10 -10.82 3.02 2.02
CA PRO A 10 -10.62 4.46 1.78
C PRO A 10 -9.25 4.78 1.20
N LEU A 11 -8.33 3.82 1.33
CA LEU A 11 -6.97 3.99 0.82
C LEU A 11 -6.88 3.56 -0.64
N PHE A 12 -7.00 2.26 -0.88
CA PHE A 12 -6.93 1.72 -2.24
C PHE A 12 -8.16 2.14 -3.05
N GLY A 13 -9.19 2.60 -2.36
CA GLY A 13 -10.40 3.03 -3.03
C GLY A 13 -10.40 4.52 -3.35
N LYS A 14 -11.30 5.26 -2.72
CA LYS A 14 -11.40 6.70 -2.95
C LYS A 14 -10.04 7.37 -2.78
N GLY A 15 -9.21 6.79 -1.91
CA GLY A 15 -7.88 7.35 -1.68
C GLY A 15 -7.11 7.56 -2.97
N GLY A 16 -7.41 6.76 -3.98
CA GLY A 16 -6.73 6.88 -5.25
C GLY A 16 -7.33 7.95 -6.14
N LYS B 1 -5.75 -5.62 -5.78
CA LYS B 1 -5.07 -4.96 -6.87
C LYS B 1 -4.05 -3.95 -6.34
N TYR B 2 -2.79 -4.16 -6.69
CA TYR B 2 -1.72 -3.27 -6.24
C TYR B 2 -1.23 -2.39 -7.39
N GLU B 3 -2.10 -1.51 -7.87
CA GLU B 3 -1.75 -0.60 -8.96
C GLU B 3 -1.90 0.85 -8.53
N ILE B 4 -2.85 1.10 -7.62
CA ILE B 4 -3.09 2.45 -7.13
C ILE B 4 -2.67 2.58 -5.67
N THR B 5 -2.84 1.51 -4.91
CA THR B 5 -2.48 1.50 -3.50
C THR B 5 -1.04 1.04 -3.30
N THR B 6 -0.37 0.71 -4.40
CA THR B 6 1.01 0.26 -4.35
C THR B 6 1.93 1.17 -5.16
N ILE B 7 1.35 1.84 -6.16
CA ILE B 7 2.12 2.73 -7.01
C ILE B 7 2.87 3.77 -6.18
N HIS B 8 2.21 4.28 -5.14
CA HIS B 8 2.82 5.28 -4.27
C HIS B 8 3.79 4.63 -3.29
N ASN B 9 3.72 3.30 -3.19
CA ASN B 9 4.60 2.55 -2.30
C ASN B 9 5.88 2.14 -3.01
N LEU B 10 5.85 2.18 -4.34
CA LEU B 10 7.02 1.82 -5.13
C LEU B 10 8.08 2.91 -5.09
N PHE B 11 7.75 4.03 -4.46
CA PHE B 11 8.67 5.15 -4.35
C PHE B 11 9.76 4.85 -3.33
N ARG B 12 10.67 3.94 -3.70
CA ARG B 12 11.77 3.56 -2.82
C ARG B 12 12.56 4.78 -2.39
N LYS B 13 12.55 5.82 -3.22
CA LYS B 13 13.27 7.05 -2.92
C LYS B 13 12.65 7.77 -1.71
N LEU B 14 11.36 7.58 -1.52
CA LEU B 14 10.65 8.20 -0.41
C LEU B 14 10.42 7.20 0.72
N THR B 15 9.41 6.34 0.55
CA THR B 15 9.09 5.33 1.55
C THR B 15 9.19 3.93 0.96
N HIS B 16 10.06 3.11 1.55
CA HIS B 16 10.25 1.74 1.09
C HIS B 16 9.95 0.75 2.20
N ARG B 17 9.30 1.23 3.26
CA ARG B 17 8.96 0.38 4.40
C ARG B 17 7.49 -0.05 4.34
N LEU B 18 6.66 0.83 3.79
CA LEU B 18 5.23 0.55 3.67
C LEU B 18 4.91 -0.07 2.31
N PHE B 19 5.90 -0.75 1.72
CA PHE B 19 5.72 -1.38 0.42
C PHE B 19 5.99 -2.88 0.52
N ARG B 20 7.04 -3.25 1.22
CA ARG B 20 7.41 -4.65 1.38
C ARG B 20 7.25 -5.09 2.83
N ARG B 21 7.48 -4.15 3.76
CA ARG B 21 7.37 -4.44 5.18
C ARG B 21 5.92 -4.33 5.65
N ASN B 22 5.08 -3.76 4.80
CA ASN B 22 3.66 -3.59 5.13
C ASN B 22 2.78 -4.29 4.11
N PHE B 23 2.91 -3.89 2.84
CA PHE B 23 2.12 -4.48 1.77
C PHE B 23 2.88 -5.64 1.12
N GLY B 24 3.95 -6.07 1.76
CA GLY B 24 4.75 -7.17 1.23
C GLY B 24 4.53 -8.47 1.99
N TYR B 25 3.82 -8.38 3.11
CA TYR B 25 3.54 -9.55 3.93
C TYR B 25 2.82 -10.63 3.11
N THR B 26 2.16 -10.20 2.04
CA THR B 26 1.43 -11.13 1.19
C THR B 26 2.31 -12.30 0.76
N LEU B 27 1.90 -13.51 1.13
CA LEU B 27 2.64 -14.71 0.79
C LEU B 27 1.94 -15.51 -0.31
N ARG B 28 2.14 -15.07 -1.55
CA ARG B 28 1.52 -15.74 -2.69
C ARG B 28 1.87 -17.23 -2.70
N VAL A 1 2.95 9.43 8.84
CA VAL A 1 1.76 9.93 8.17
C VAL A 1 1.21 8.91 7.17
N ALA A 2 1.24 7.65 7.58
CA ALA A 2 0.73 6.57 6.72
C ALA A 2 -0.70 6.20 7.08
N ARG A 3 -1.66 6.83 6.43
CA ARG A 3 -3.07 6.57 6.69
C ARG A 3 -3.76 6.03 5.44
N GLY A 4 -3.16 6.27 4.28
CA GLY A 4 -3.73 5.79 3.04
C GLY A 4 -3.72 4.28 2.94
N TRP A 5 -2.94 3.63 3.79
CA TRP A 5 -2.85 2.18 3.79
C TRP A 5 -3.21 1.61 5.16
N LYS A 6 -3.42 2.50 6.12
CA LYS A 6 -3.77 2.10 7.48
C LYS A 6 -5.25 2.34 7.75
N ARG A 7 -5.89 3.14 6.89
CA ARG A 7 -7.29 3.46 7.03
C ARG A 7 -8.11 2.93 5.87
N LYS A 8 -7.51 2.97 4.68
CA LYS A 8 -8.17 2.50 3.47
C LYS A 8 -8.16 0.98 3.41
N CYS A 9 -8.98 0.35 4.26
CA CYS A 9 -9.06 -1.10 4.31
C CYS A 9 -9.83 -1.64 3.09
N PRO A 10 -11.10 -1.25 2.97
CA PRO A 10 -11.96 -1.68 1.86
C PRO A 10 -11.55 -1.06 0.53
N LEU A 11 -10.67 -0.06 0.60
CA LEU A 11 -10.18 0.61 -0.61
C LEU A 11 -8.85 0.04 -1.04
N PHE A 12 -7.81 0.32 -0.26
CA PHE A 12 -6.46 -0.18 -0.57
C PHE A 12 -6.40 -1.70 -0.45
N GLY A 13 -7.42 -2.28 0.16
CA GLY A 13 -7.46 -3.72 0.34
C GLY A 13 -7.52 -4.47 -0.98
N LYS A 14 -8.71 -4.54 -1.56
CA LYS A 14 -8.91 -5.22 -2.83
C LYS A 14 -8.48 -4.34 -4.00
N GLY A 15 -8.40 -3.04 -3.75
CA GLY A 15 -8.00 -2.10 -4.79
C GLY A 15 -6.50 -2.09 -5.01
N GLY A 16 -6.00 -3.07 -5.76
CA GLY A 16 -4.58 -3.15 -6.03
C GLY A 16 -4.25 -2.75 -7.45
N LYS B 1 -6.29 7.42 -5.08
CA LYS B 1 -5.94 7.20 -3.69
C LYS B 1 -4.62 6.45 -3.56
N TYR B 2 -4.55 5.28 -4.20
CA TYR B 2 -3.33 4.47 -4.16
C TYR B 2 -2.46 4.74 -5.38
N GLU B 3 -2.63 5.92 -5.96
CA GLU B 3 -1.84 6.31 -7.14
C GLU B 3 -1.04 7.57 -6.86
N ILE B 4 -1.31 8.21 -5.74
CA ILE B 4 -0.61 9.43 -5.35
C ILE B 4 0.16 9.24 -4.05
N THR B 5 -0.32 8.31 -3.21
CA THR B 5 0.31 8.04 -1.94
C THR B 5 1.20 6.80 -2.02
N THR B 6 1.18 6.15 -3.17
CA THR B 6 1.99 4.95 -3.39
C THR B 6 2.95 5.14 -4.55
N ILE B 7 2.56 5.98 -5.51
CA ILE B 7 3.39 6.25 -6.67
C ILE B 7 4.82 6.60 -6.27
N HIS B 8 4.95 7.37 -5.18
CA HIS B 8 6.26 7.77 -4.68
C HIS B 8 6.59 7.06 -3.38
N ASN B 9 5.68 6.20 -2.93
CA ASN B 9 5.86 5.45 -1.69
C ASN B 9 6.09 3.97 -1.98
N LEU B 10 6.32 3.65 -3.24
CA LEU B 10 6.57 2.27 -3.65
C LEU B 10 7.93 2.12 -4.32
N PHE B 11 8.69 3.21 -4.33
CA PHE B 11 10.01 3.21 -4.95
C PHE B 11 11.10 3.37 -3.87
N ARG B 12 10.73 3.97 -2.75
CA ARG B 12 11.67 4.19 -1.66
C ARG B 12 12.31 2.87 -1.22
N LYS B 13 11.60 2.14 -0.37
CA LYS B 13 12.11 0.86 0.12
C LYS B 13 11.13 -0.27 -0.20
N LEU B 14 10.39 -0.11 -1.29
CA LEU B 14 9.43 -1.11 -1.71
C LEU B 14 9.75 -1.64 -3.11
N THR B 15 9.95 -2.94 -3.22
CA THR B 15 10.27 -3.57 -4.49
C THR B 15 9.22 -4.60 -4.88
N HIS B 16 9.16 -5.70 -4.13
CA HIS B 16 8.20 -6.76 -4.40
C HIS B 16 7.11 -6.77 -3.33
N ARG B 17 7.42 -7.34 -2.17
CA ARG B 17 6.47 -7.43 -1.07
C ARG B 17 6.24 -6.06 -0.45
N LEU B 18 5.40 -5.26 -1.07
CA LEU B 18 5.08 -3.92 -0.58
C LEU B 18 3.59 -3.78 -0.27
N PHE B 19 2.80 -4.74 -0.77
CA PHE B 19 1.36 -4.72 -0.56
C PHE B 19 1.00 -5.50 0.70
N ARG B 20 1.92 -6.33 1.17
CA ARG B 20 1.70 -7.14 2.36
C ARG B 20 2.74 -6.81 3.43
N ARG B 21 3.95 -6.50 3.00
CA ARG B 21 5.04 -6.18 3.92
C ARG B 21 5.07 -4.69 4.24
N ASN B 22 4.39 -3.90 3.40
CA ASN B 22 4.34 -2.46 3.60
C ASN B 22 2.89 -1.99 3.78
N PHE B 23 2.01 -2.44 2.89
CA PHE B 23 0.60 -2.06 2.95
C PHE B 23 -0.22 -3.17 3.58
N GLY B 24 0.46 -4.15 4.19
CA GLY B 24 -0.24 -5.25 4.81
C GLY B 24 -0.27 -5.14 6.32
N TYR B 25 0.64 -4.34 6.87
CA TYR B 25 0.71 -4.14 8.32
C TYR B 25 -0.65 -3.76 8.89
N THR B 26 -1.46 -3.08 8.07
CA THR B 26 -2.78 -2.66 8.49
C THR B 26 -3.58 -3.82 9.06
N LEU B 27 -3.35 -5.02 8.52
CA LEU B 27 -4.04 -6.22 8.98
C LEU B 27 -3.10 -7.13 9.76
N ARG B 28 -1.84 -7.14 9.36
CA ARG B 28 -0.83 -7.97 10.02
C ARG B 28 -0.35 -7.31 11.32
N VAL A 1 3.17 12.19 1.66
CA VAL A 1 2.55 11.76 2.92
C VAL A 1 1.76 10.47 2.72
N ALA A 2 1.78 9.61 3.73
CA ALA A 2 1.05 8.35 3.68
C ALA A 2 -0.39 8.52 4.13
N ARG A 3 -1.24 8.93 3.20
CA ARG A 3 -2.66 9.14 3.50
C ARG A 3 -3.53 8.20 2.68
N GLY A 4 -2.97 7.67 1.59
CA GLY A 4 -3.71 6.76 0.74
C GLY A 4 -3.98 5.42 1.41
N TRP A 5 -3.26 5.16 2.49
CA TRP A 5 -3.42 3.90 3.23
C TRP A 5 -3.79 4.17 4.69
N LYS A 6 -3.73 5.44 5.08
CA LYS A 6 -4.07 5.82 6.45
C LYS A 6 -5.51 6.28 6.54
N ARG A 7 -6.10 6.61 5.40
CA ARG A 7 -7.49 7.06 5.36
C ARG A 7 -8.37 6.09 4.58
N LYS A 8 -7.76 5.39 3.62
CA LYS A 8 -8.48 4.42 2.81
C LYS A 8 -8.61 3.09 3.55
N CYS A 9 -9.36 3.10 4.65
CA CYS A 9 -9.56 1.88 5.43
C CYS A 9 -10.50 0.93 4.72
N PRO A 10 -11.75 1.38 4.49
CA PRO A 10 -12.78 0.57 3.82
C PRO A 10 -12.48 0.37 2.34
N LEU A 11 -11.49 1.11 1.83
CA LEU A 11 -11.11 1.02 0.43
C LEU A 11 -9.88 0.11 0.26
N PHE A 12 -8.73 0.62 0.66
CA PHE A 12 -7.48 -0.14 0.57
C PHE A 12 -7.49 -1.32 1.53
N GLY A 13 -8.45 -1.33 2.44
CA GLY A 13 -8.55 -2.40 3.42
C GLY A 13 -9.71 -3.34 3.13
N LYS A 14 -10.88 -3.01 3.66
CA LYS A 14 -12.07 -3.83 3.46
C LYS A 14 -12.30 -4.10 1.97
N GLY A 15 -12.25 -3.04 1.17
CA GLY A 15 -12.45 -3.18 -0.25
C GLY A 15 -11.23 -3.72 -0.97
N GLY A 16 -10.80 -4.92 -0.58
CA GLY A 16 -9.62 -5.52 -1.20
C GLY A 16 -9.96 -6.30 -2.44
N LYS B 1 -7.40 5.85 -6.26
CA LYS B 1 -7.17 5.94 -4.82
C LYS B 1 -5.68 5.86 -4.50
N TYR B 2 -5.13 4.66 -4.59
CA TYR B 2 -3.71 4.45 -4.30
C TYR B 2 -2.96 4.04 -5.56
N GLU B 3 -3.50 4.41 -6.72
CA GLU B 3 -2.88 4.07 -7.99
C GLU B 3 -1.57 4.83 -8.18
N ILE B 4 -1.35 5.83 -7.32
CA ILE B 4 -0.14 6.63 -7.39
C ILE B 4 0.72 6.44 -6.14
N THR B 5 0.13 5.86 -5.10
CA THR B 5 0.83 5.62 -3.85
C THR B 5 1.13 4.13 -3.67
N THR B 6 0.71 3.32 -4.64
CA THR B 6 0.94 1.88 -4.58
C THR B 6 1.79 1.41 -5.76
N ILE B 7 1.65 2.09 -6.89
CA ILE B 7 2.41 1.74 -8.09
C ILE B 7 3.91 1.87 -7.84
N HIS B 8 4.30 2.90 -7.12
CA HIS B 8 5.70 3.15 -6.82
C HIS B 8 6.18 2.20 -5.71
N ASN B 9 5.24 1.60 -5.00
CA ASN B 9 5.56 0.68 -3.92
C ASN B 9 6.31 -0.54 -4.45
N LEU B 10 6.24 -0.74 -5.77
CA LEU B 10 6.90 -1.87 -6.40
C LEU B 10 8.41 -1.82 -6.18
N PHE B 11 8.90 -0.64 -5.80
CA PHE B 11 10.33 -0.45 -5.56
C PHE B 11 10.74 -1.09 -4.23
N ARG B 12 10.82 -2.42 -4.23
CA ARG B 12 11.19 -3.15 -3.02
C ARG B 12 12.50 -2.61 -2.45
N LYS B 13 13.37 -2.12 -3.32
CA LYS B 13 14.66 -1.56 -2.90
C LYS B 13 14.46 -0.30 -2.08
N LEU B 14 13.41 0.45 -2.40
CA LEU B 14 13.12 1.70 -1.69
C LEU B 14 13.08 1.46 -0.19
N THR B 15 13.94 2.16 0.55
CA THR B 15 14.01 2.03 1.99
C THR B 15 12.63 2.16 2.61
N HIS B 16 11.78 2.99 2.01
CA HIS B 16 10.42 3.21 2.51
C HIS B 16 9.64 1.90 2.52
N ARG B 17 9.54 1.28 3.69
CA ARG B 17 8.82 0.02 3.83
C ARG B 17 7.54 0.21 4.63
N LEU B 18 7.28 1.46 5.02
CA LEU B 18 6.09 1.78 5.80
C LEU B 18 4.83 1.26 5.11
N PHE B 19 4.91 1.09 3.79
CA PHE B 19 3.78 0.60 3.02
C PHE B 19 3.56 -0.89 3.26
N ARG B 20 4.41 -1.72 2.67
CA ARG B 20 4.31 -3.17 2.82
C ARG B 20 4.38 -3.56 4.29
N ARG B 21 4.93 -2.68 5.11
CA ARG B 21 5.07 -2.94 6.54
C ARG B 21 3.76 -3.46 7.11
N ASN B 22 2.73 -2.62 7.09
CA ASN B 22 1.42 -3.00 7.62
C ASN B 22 0.35 -2.91 6.53
N PHE B 23 0.56 -2.01 5.58
CA PHE B 23 -0.39 -1.81 4.49
C PHE B 23 -0.16 -2.85 3.38
N GLY B 24 0.81 -3.73 3.61
CA GLY B 24 1.11 -4.76 2.63
C GLY B 24 0.26 -6.00 2.80
N TYR B 25 -0.36 -6.13 3.97
CA TYR B 25 -1.21 -7.28 4.26
C TYR B 25 -2.32 -7.42 3.21
N THR B 26 -2.67 -6.30 2.59
CA THR B 26 -3.73 -6.29 1.58
C THR B 26 -3.46 -7.34 0.50
N LEU B 27 -2.18 -7.59 0.22
CA LEU B 27 -1.80 -8.57 -0.78
C LEU B 27 -1.96 -9.98 -0.24
N ARG B 28 -1.04 -10.39 0.63
CA ARG B 28 -1.09 -11.73 1.22
C ARG B 28 -2.32 -11.89 2.11
N VAL A 1 5.54 13.08 2.78
CA VAL A 1 5.04 12.66 4.09
C VAL A 1 4.20 11.38 3.98
N ALA A 2 4.04 10.69 5.10
CA ALA A 2 3.27 9.46 5.12
C ALA A 2 1.93 9.66 5.83
N ARG A 3 0.93 10.12 5.09
CA ARG A 3 -0.39 10.36 5.65
C ARG A 3 -1.43 9.47 4.99
N GLY A 4 -1.11 8.98 3.79
CA GLY A 4 -2.03 8.12 3.06
C GLY A 4 -2.27 6.80 3.77
N TRP A 5 -1.38 6.45 4.68
CA TRP A 5 -1.50 5.20 5.43
C TRP A 5 -1.57 5.47 6.93
N LYS A 6 -1.35 6.72 7.31
CA LYS A 6 -1.40 7.11 8.72
C LYS A 6 -2.69 7.85 9.04
N ARG A 7 -3.34 8.37 8.01
CA ARG A 7 -4.59 9.11 8.18
C ARG A 7 -5.71 8.43 7.41
N LYS A 8 -5.41 7.94 6.21
CA LYS A 8 -6.40 7.27 5.38
C LYS A 8 -6.52 5.80 5.75
N CYS A 9 -7.20 5.53 6.87
CA CYS A 9 -7.40 4.16 7.34
C CYS A 9 -8.48 3.46 6.52
N PRO A 10 -9.71 3.99 6.59
CA PRO A 10 -10.86 3.43 5.86
C PRO A 10 -10.75 3.63 4.36
N LEU A 11 -9.95 4.62 3.95
CA LEU A 11 -9.76 4.91 2.54
C LEU A 11 -8.69 4.00 1.93
N PHE A 12 -7.45 4.19 2.37
CA PHE A 12 -6.34 3.40 1.87
C PHE A 12 -6.53 1.91 2.20
N GLY A 13 -7.41 1.65 3.17
CA GLY A 13 -7.68 0.28 3.58
C GLY A 13 -8.57 -0.45 2.59
N LYS A 14 -9.81 -0.69 3.00
CA LYS A 14 -10.77 -1.39 2.14
C LYS A 14 -11.63 -0.41 1.37
N GLY A 15 -11.49 0.88 1.69
CA GLY A 15 -12.26 1.91 1.01
C GLY A 15 -12.14 1.82 -0.49
N GLY A 16 -11.01 1.30 -0.97
CA GLY A 16 -10.79 1.17 -2.40
C GLY A 16 -11.92 0.43 -3.09
N LYS B 1 -7.87 5.02 -5.02
CA LYS B 1 -7.64 5.82 -3.82
C LYS B 1 -6.21 5.61 -3.29
N TYR B 2 -5.75 4.37 -3.34
CA TYR B 2 -4.41 4.03 -2.87
C TYR B 2 -3.49 3.67 -4.03
N GLU B 3 -3.56 4.47 -5.10
CA GLU B 3 -2.74 4.22 -6.28
C GLU B 3 -1.79 5.40 -6.52
N ILE B 4 -1.68 6.27 -5.54
CA ILE B 4 -0.82 7.44 -5.65
C ILE B 4 0.24 7.44 -4.54
N THR B 5 -0.14 6.95 -3.37
CA THR B 5 0.78 6.90 -2.24
C THR B 5 1.31 5.49 -2.02
N THR B 6 0.83 4.55 -2.83
CA THR B 6 1.26 3.17 -2.74
C THR B 6 1.94 2.71 -4.03
N ILE B 7 1.63 3.38 -5.12
CA ILE B 7 2.21 3.05 -6.43
C ILE B 7 3.72 3.25 -6.42
N HIS B 8 4.17 4.32 -5.76
CA HIS B 8 5.59 4.62 -5.69
C HIS B 8 6.34 3.51 -4.96
N ASN B 9 5.60 2.66 -4.24
CA ASN B 9 6.20 1.56 -3.51
C ASN B 9 6.84 0.54 -4.46
N LEU B 10 6.51 0.67 -5.74
CA LEU B 10 7.06 -0.23 -6.76
C LEU B 10 8.55 0.01 -6.95
N PHE B 11 9.05 1.09 -6.37
CA PHE B 11 10.47 1.43 -6.48
C PHE B 11 11.32 0.48 -5.64
N ARG B 12 11.49 -0.75 -6.12
CA ARG B 12 12.28 -1.75 -5.41
C ARG B 12 13.64 -1.19 -5.04
N LYS B 13 14.18 -0.33 -5.90
CA LYS B 13 15.49 0.28 -5.66
C LYS B 13 15.46 1.15 -4.41
N LEU B 14 14.35 1.83 -4.20
CA LEU B 14 14.20 2.71 -3.03
C LEU B 14 13.39 2.02 -1.94
N THR B 15 14.00 1.87 -0.77
CA THR B 15 13.35 1.22 0.36
C THR B 15 11.96 1.80 0.58
N HIS B 16 10.94 1.05 0.18
CA HIS B 16 9.55 1.48 0.34
C HIS B 16 8.77 0.49 1.19
N ARG B 17 9.45 -0.15 2.13
CA ARG B 17 8.81 -1.13 3.00
C ARG B 17 8.09 -0.43 4.15
N LEU B 18 7.22 0.52 3.82
CA LEU B 18 6.47 1.25 4.81
C LEU B 18 4.97 1.03 4.65
N PHE B 19 4.59 0.54 3.48
CA PHE B 19 3.18 0.28 3.18
C PHE B 19 2.81 -1.16 3.54
N ARG B 20 3.47 -2.12 2.91
CA ARG B 20 3.21 -3.53 3.16
C ARG B 20 3.75 -3.94 4.53
N ARG B 21 4.56 -3.08 5.12
CA ARG B 21 5.15 -3.36 6.42
C ARG B 21 4.05 -3.64 7.46
N ASN B 22 3.27 -2.61 7.75
CA ASN B 22 2.18 -2.74 8.74
C ASN B 22 0.84 -2.40 8.10
N PHE B 23 0.87 -1.59 7.04
CA PHE B 23 -0.34 -1.20 6.34
C PHE B 23 -0.69 -2.18 5.24
N GLY B 24 0.08 -3.28 5.17
CA GLY B 24 -0.16 -4.29 4.15
C GLY B 24 -1.24 -5.28 4.56
N TYR B 25 -1.60 -5.26 5.83
CA TYR B 25 -2.62 -6.18 6.36
C TYR B 25 -3.91 -6.04 5.58
N THR B 26 -4.13 -4.87 4.99
CA THR B 26 -5.33 -4.61 4.21
C THR B 26 -5.51 -5.65 3.11
N LEU B 27 -4.41 -6.12 2.57
CA LEU B 27 -4.44 -7.13 1.52
C LEU B 27 -3.93 -8.48 2.02
N ARG B 28 -3.08 -8.44 3.03
CA ARG B 28 -2.53 -9.66 3.61
C ARG B 28 -3.46 -10.22 4.68
N VAL A 1 1.57 -11.91 1.18
CA VAL A 1 0.29 -12.03 0.48
C VAL A 1 -0.22 -10.66 0.02
N ALA A 2 -0.72 -10.61 -1.21
CA ALA A 2 -1.24 -9.36 -1.76
C ALA A 2 -2.70 -9.15 -1.38
N ARG A 3 -2.92 -8.60 -0.20
CA ARG A 3 -4.27 -8.35 0.28
C ARG A 3 -4.51 -6.86 0.51
N GLY A 4 -3.41 -6.11 0.63
CA GLY A 4 -3.51 -4.68 0.85
C GLY A 4 -4.08 -3.95 -0.34
N TRP A 5 -4.06 -4.60 -1.49
CA TRP A 5 -4.56 -4.00 -2.73
C TRP A 5 -5.68 -4.85 -3.33
N LYS A 6 -5.88 -6.03 -2.76
CA LYS A 6 -6.92 -6.94 -3.24
C LYS A 6 -8.11 -6.97 -2.28
N ARG A 7 -7.85 -6.61 -1.02
CA ARG A 7 -8.91 -6.59 -0.01
C ARG A 7 -9.07 -5.19 0.57
N LYS A 8 -7.95 -4.54 0.88
CA LYS A 8 -7.97 -3.20 1.45
C LYS A 8 -8.15 -2.15 0.35
N CYS A 9 -9.28 -2.21 -0.35
CA CYS A 9 -9.57 -1.26 -1.42
C CYS A 9 -10.03 0.07 -0.86
N PRO A 10 -11.18 0.05 -0.15
CA PRO A 10 -11.75 1.26 0.45
C PRO A 10 -10.92 1.78 1.62
N LEU A 11 -9.91 1.00 2.01
CA LEU A 11 -9.05 1.38 3.12
C LEU A 11 -7.76 2.03 2.61
N PHE A 12 -6.85 1.20 2.11
CA PHE A 12 -5.58 1.69 1.59
C PHE A 12 -5.78 2.47 0.29
N GLY A 13 -6.91 2.20 -0.38
CA GLY A 13 -7.21 2.88 -1.62
C GLY A 13 -8.10 4.09 -1.43
N LYS A 14 -9.40 3.87 -1.56
CA LYS A 14 -10.37 4.95 -1.40
C LYS A 14 -10.11 5.74 -0.11
N GLY A 15 -9.90 5.01 0.98
CA GLY A 15 -9.63 5.65 2.26
C GLY A 15 -8.20 6.17 2.37
N GLY A 16 -7.82 7.05 1.44
CA GLY A 16 -6.48 7.60 1.46
C GLY A 16 -6.44 9.03 1.97
N LYS B 1 -8.19 3.76 -7.12
CA LYS B 1 -7.05 3.19 -7.83
C LYS B 1 -5.82 3.12 -6.92
N TYR B 2 -5.37 1.90 -6.65
CA TYR B 2 -4.20 1.70 -5.79
C TYR B 2 -2.93 1.55 -6.62
N GLU B 3 -2.96 2.08 -7.84
CA GLU B 3 -1.82 2.01 -8.74
C GLU B 3 -0.67 2.88 -8.23
N ILE B 4 -1.02 4.04 -7.66
CA ILE B 4 -0.02 4.96 -7.13
C ILE B 4 0.38 4.58 -5.71
N THR B 5 -0.10 3.43 -5.25
CA THR B 5 0.21 2.94 -3.92
C THR B 5 0.89 1.59 -3.96
N THR B 6 0.73 0.89 -5.08
CA THR B 6 1.34 -0.43 -5.25
C THR B 6 2.50 -0.38 -6.23
N ILE B 7 2.38 0.49 -7.24
CA ILE B 7 3.42 0.63 -8.25
C ILE B 7 4.34 1.80 -7.92
N HIS B 8 3.77 2.85 -7.33
CA HIS B 8 4.55 4.04 -6.96
C HIS B 8 5.62 3.69 -5.94
N ASN B 9 5.47 2.52 -5.30
CA ASN B 9 6.42 2.08 -4.29
C ASN B 9 7.82 1.94 -4.90
N LEU B 10 7.89 1.90 -6.22
CA LEU B 10 9.16 1.77 -6.93
C LEU B 10 10.07 2.97 -6.62
N PHE B 11 9.48 4.03 -6.08
CA PHE B 11 10.24 5.23 -5.74
C PHE B 11 11.22 4.95 -4.60
N ARG B 12 12.38 4.43 -4.95
CA ARG B 12 13.40 4.12 -3.95
C ARG B 12 13.57 5.26 -2.96
N LYS B 13 13.44 6.49 -3.46
CA LYS B 13 13.56 7.67 -2.61
C LYS B 13 12.40 7.76 -1.63
N LEU B 14 11.20 7.54 -2.13
CA LEU B 14 10.00 7.59 -1.29
C LEU B 14 9.32 6.24 -1.22
N THR B 15 10.08 5.22 -0.82
CA THR B 15 9.55 3.87 -0.71
C THR B 15 8.76 3.69 0.59
N HIS B 16 7.49 3.34 0.45
CA HIS B 16 6.63 3.13 1.61
C HIS B 16 6.89 1.78 2.25
N ARG B 17 7.59 1.79 3.38
CA ARG B 17 7.91 0.56 4.09
C ARG B 17 6.64 -0.15 4.56
N LEU B 18 5.54 0.58 4.57
CA LEU B 18 4.26 0.03 4.99
C LEU B 18 3.53 -0.63 3.81
N PHE B 19 4.24 -0.78 2.70
CA PHE B 19 3.66 -1.39 1.51
C PHE B 19 4.45 -2.63 1.10
N ARG B 20 5.64 -2.78 1.67
CA ARG B 20 6.49 -3.92 1.35
C ARG B 20 6.78 -4.74 2.61
N ARG B 21 6.45 -4.17 3.77
CA ARG B 21 6.66 -4.86 5.03
C ARG B 21 5.85 -6.15 5.10
N ASN B 22 4.55 -6.04 4.87
CA ASN B 22 3.66 -7.19 4.90
C ASN B 22 2.97 -7.39 3.57
N PHE B 23 2.63 -6.29 2.91
CA PHE B 23 1.96 -6.33 1.62
C PHE B 23 2.95 -6.66 0.50
N GLY B 24 4.23 -6.74 0.87
CA GLY B 24 5.25 -7.04 -0.11
C GLY B 24 5.64 -8.51 -0.11
N TYR B 25 5.19 -9.24 0.90
CA TYR B 25 5.50 -10.65 1.03
C TYR B 25 5.16 -11.40 -0.27
N THR B 26 4.13 -10.93 -0.97
CA THR B 26 3.71 -11.54 -2.22
C THR B 26 4.79 -11.43 -3.28
N LEU B 27 5.26 -12.57 -3.77
CA LEU B 27 6.30 -12.60 -4.79
C LEU B 27 5.69 -12.48 -6.19
N ARG B 28 4.49 -13.03 -6.35
CA ARG B 28 3.80 -12.98 -7.64
C ARG B 28 2.49 -12.20 -7.53
N VAL A 1 3.13 11.99 4.93
CA VAL A 1 1.70 11.91 4.69
C VAL A 1 1.28 10.52 4.23
N ALA A 2 0.84 9.69 5.17
CA ALA A 2 0.42 8.33 4.87
C ALA A 2 -1.08 8.16 5.08
N ARG A 3 -1.86 8.42 4.04
CA ARG A 3 -3.31 8.30 4.11
C ARG A 3 -3.81 7.24 3.15
N GLY A 4 -3.00 6.91 2.15
CA GLY A 4 -3.38 5.90 1.18
C GLY A 4 -3.45 4.52 1.77
N TRP A 5 -2.86 4.34 2.95
CA TRP A 5 -2.86 3.05 3.62
C TRP A 5 -3.50 3.16 5.01
N LYS A 6 -3.79 4.39 5.42
CA LYS A 6 -4.40 4.63 6.72
C LYS A 6 -5.90 4.91 6.58
N ARG A 7 -6.31 5.28 5.37
CA ARG A 7 -7.71 5.58 5.10
C ARG A 7 -8.33 4.49 4.21
N LYS A 8 -7.53 3.95 3.30
CA LYS A 8 -8.00 2.91 2.39
C LYS A 8 -7.79 1.53 3.00
N CYS A 9 -8.63 1.18 3.96
CA CYS A 9 -8.54 -0.12 4.62
C CYS A 9 -9.05 -1.23 3.71
N PRO A 10 -10.35 -1.15 3.36
CA PRO A 10 -11.00 -2.13 2.49
C PRO A 10 -10.50 -2.06 1.04
N LEU A 11 -9.83 -0.96 0.71
CA LEU A 11 -9.29 -0.77 -0.63
C LEU A 11 -7.88 -1.32 -0.74
N PHE A 12 -7.03 -0.96 0.22
CA PHE A 12 -5.65 -1.43 0.23
C PHE A 12 -5.55 -2.84 0.79
N GLY A 13 -6.66 -3.32 1.38
CA GLY A 13 -6.68 -4.66 1.93
C GLY A 13 -6.91 -5.73 0.88
N LYS A 14 -8.15 -5.82 0.41
CA LYS A 14 -8.50 -6.80 -0.60
C LYS A 14 -8.39 -6.21 -2.00
N GLY A 15 -8.56 -4.90 -2.10
CA GLY A 15 -8.48 -4.23 -3.38
C GLY A 15 -7.06 -4.13 -3.89
N GLY A 16 -6.55 -5.22 -4.46
CA GLY A 16 -5.19 -5.23 -4.96
C GLY A 16 -5.04 -4.41 -6.23
N LYS B 1 -6.92 8.27 -2.58
CA LYS B 1 -5.85 8.92 -1.82
C LYS B 1 -4.56 8.11 -1.92
N TYR B 2 -4.70 6.79 -2.12
CA TYR B 2 -3.55 5.92 -2.22
C TYR B 2 -3.02 5.88 -3.65
N GLU B 3 -3.61 6.70 -4.52
CA GLU B 3 -3.20 6.77 -5.91
C GLU B 3 -1.91 7.57 -6.06
N ILE B 4 -1.42 8.12 -4.95
CA ILE B 4 -0.21 8.91 -4.96
C ILE B 4 0.88 8.25 -4.11
N THR B 5 0.47 7.35 -3.22
CA THR B 5 1.42 6.66 -2.36
C THR B 5 1.70 5.26 -2.88
N THR B 6 0.87 4.79 -3.81
CA THR B 6 1.03 3.47 -4.40
C THR B 6 1.78 3.54 -5.73
N ILE B 7 1.57 4.63 -6.46
CA ILE B 7 2.23 4.81 -7.75
C ILE B 7 3.75 4.84 -7.59
N HIS B 8 4.22 5.26 -6.42
CA HIS B 8 5.65 5.31 -6.15
C HIS B 8 6.12 4.04 -5.46
N ASN B 9 5.17 3.18 -5.10
CA ASN B 9 5.49 1.92 -4.43
C ASN B 9 6.21 0.97 -5.39
N LEU B 10 6.21 1.31 -6.67
CA LEU B 10 6.86 0.48 -7.68
C LEU B 10 8.37 0.66 -7.63
N PHE B 11 8.84 1.57 -6.77
CA PHE B 11 10.27 1.83 -6.63
C PHE B 11 10.95 0.70 -5.89
N ARG B 12 11.14 -0.42 -6.57
CA ARG B 12 11.79 -1.58 -5.99
C ARG B 12 13.10 -1.19 -5.30
N LYS B 13 13.80 -0.22 -5.88
CA LYS B 13 15.07 0.25 -5.33
C LYS B 13 14.85 0.89 -3.96
N LEU B 14 13.76 1.65 -3.84
CA LEU B 14 13.45 2.32 -2.57
C LEU B 14 12.65 1.41 -1.65
N THR B 15 13.19 1.14 -0.47
CA THR B 15 12.52 0.28 0.50
C THR B 15 11.06 0.68 0.66
N HIS B 16 10.17 -0.31 0.56
CA HIS B 16 8.74 -0.07 0.70
C HIS B 16 8.15 -0.89 1.85
N ARG B 17 9.02 -1.27 2.79
CA ARG B 17 8.59 -2.05 3.94
C ARG B 17 7.46 -1.35 4.69
N LEU B 18 7.38 -0.04 4.53
CA LEU B 18 6.35 0.74 5.19
C LEU B 18 5.13 0.94 4.28
N PHE B 19 4.96 0.01 3.34
CA PHE B 19 3.84 0.07 2.41
C PHE B 19 2.96 -1.17 2.53
N ARG B 20 3.60 -2.35 2.44
CA ARG B 20 2.88 -3.61 2.54
C ARG B 20 3.38 -4.43 3.72
N ARG B 21 4.65 -4.23 4.09
CA ARG B 21 5.25 -4.95 5.20
C ARG B 21 4.76 -4.40 6.54
N ASN B 22 4.25 -3.17 6.51
CA ASN B 22 3.76 -2.52 7.72
C ASN B 22 2.29 -2.15 7.57
N PHE B 23 1.94 -1.54 6.44
CA PHE B 23 0.57 -1.14 6.18
C PHE B 23 -0.16 -2.20 5.34
N GLY B 24 0.48 -3.35 5.16
CA GLY B 24 -0.12 -4.42 4.39
C GLY B 24 -0.31 -5.68 5.21
N TYR B 25 0.44 -5.82 6.29
CA TYR B 25 0.34 -6.98 7.15
C TYR B 25 -1.07 -7.13 7.71
N THR B 26 -1.80 -6.03 7.78
CA THR B 26 -3.16 -6.03 8.29
C THR B 26 -4.00 -7.12 7.61
N LEU B 27 -4.49 -6.83 6.41
CA LEU B 27 -5.30 -7.77 5.66
C LEU B 27 -4.51 -8.36 4.50
N ARG B 28 -3.58 -7.57 3.96
CA ARG B 28 -2.76 -8.02 2.84
C ARG B 28 -1.64 -8.93 3.32
N VAL A 1 2.06 13.12 -2.21
CA VAL A 1 0.81 12.84 -1.51
C VAL A 1 0.82 11.43 -0.94
N ALA A 2 1.12 11.33 0.36
CA ALA A 2 1.15 10.04 1.03
C ALA A 2 0.11 9.96 2.14
N ARG A 3 -1.16 10.06 1.76
CA ARG A 3 -2.25 10.02 2.73
C ARG A 3 -3.19 8.86 2.43
N GLY A 4 -3.04 8.27 1.24
CA GLY A 4 -3.89 7.15 0.86
C GLY A 4 -3.46 5.85 1.51
N TRP A 5 -2.26 5.84 2.10
CA TRP A 5 -1.75 4.66 2.76
C TRP A 5 -1.42 4.94 4.22
N LYS A 6 -1.55 6.20 4.61
CA LYS A 6 -1.26 6.61 5.99
C LYS A 6 -2.56 6.90 6.74
N ARG A 7 -3.59 7.31 6.01
CA ARG A 7 -4.88 7.63 6.61
C ARG A 7 -5.97 6.75 6.04
N LYS A 8 -6.01 6.65 4.71
CA LYS A 8 -7.02 5.84 4.03
C LYS A 8 -6.55 4.40 3.88
N CYS A 9 -6.45 3.70 5.00
CA CYS A 9 -6.00 2.31 5.00
C CYS A 9 -7.13 1.38 4.54
N PRO A 10 -8.22 1.35 5.33
CA PRO A 10 -9.39 0.51 5.03
C PRO A 10 -10.15 1.00 3.79
N LEU A 11 -10.00 2.28 3.47
CA LEU A 11 -10.67 2.87 2.33
C LEU A 11 -9.99 2.46 1.03
N PHE A 12 -8.73 2.88 0.86
CA PHE A 12 -7.98 2.55 -0.34
C PHE A 12 -7.79 1.04 -0.47
N GLY A 13 -7.99 0.33 0.63
CA GLY A 13 -7.85 -1.12 0.61
C GLY A 13 -9.19 -1.84 0.54
N LYS A 14 -9.77 -2.10 1.70
CA LYS A 14 -11.07 -2.79 1.77
C LYS A 14 -12.08 -2.11 0.87
N GLY A 15 -12.16 -0.78 0.95
CA GLY A 15 -13.10 -0.04 0.13
C GLY A 15 -12.58 0.19 -1.27
N GLY A 16 -12.29 -0.90 -1.98
CA GLY A 16 -11.80 -0.80 -3.34
C GLY A 16 -12.83 -1.22 -4.37
N LYS B 1 -6.14 -1.87 -5.16
CA LYS B 1 -6.33 -1.07 -3.95
C LYS B 1 -5.26 0.00 -3.83
N TYR B 2 -4.15 -0.34 -3.19
CA TYR B 2 -3.05 0.60 -3.01
C TYR B 2 -1.76 0.06 -3.61
N GLU B 3 -1.84 -1.14 -4.17
CA GLU B 3 -0.67 -1.78 -4.78
C GLU B 3 -0.40 -1.19 -6.17
N ILE B 4 -1.24 -0.25 -6.58
CA ILE B 4 -1.10 0.38 -7.89
C ILE B 4 -0.90 1.89 -7.76
N THR B 5 -1.05 2.39 -6.53
CA THR B 5 -0.90 3.81 -6.27
C THR B 5 0.32 4.08 -5.39
N THR B 6 1.04 3.01 -5.05
CA THR B 6 2.23 3.12 -4.21
C THR B 6 3.46 2.55 -4.91
N ILE B 7 3.23 1.60 -5.80
CA ILE B 7 4.31 0.98 -6.55
C ILE B 7 5.13 2.02 -7.31
N HIS B 8 4.51 3.16 -7.58
CA HIS B 8 5.17 4.24 -8.30
C HIS B 8 5.22 5.51 -7.46
N ASN B 9 4.71 5.42 -6.23
CA ASN B 9 4.70 6.56 -5.33
C ASN B 9 5.91 6.54 -4.39
N LEU B 10 6.04 5.45 -3.63
CA LEU B 10 7.15 5.29 -2.71
C LEU B 10 7.98 4.05 -3.04
N PHE B 11 7.56 3.32 -4.08
CA PHE B 11 8.26 2.12 -4.50
C PHE B 11 9.16 2.41 -5.69
N ARG B 12 10.29 3.05 -5.43
CA ARG B 12 11.24 3.38 -6.49
C ARG B 12 12.60 2.75 -6.22
N LYS B 13 13.34 3.34 -5.29
CA LYS B 13 14.67 2.83 -4.92
C LYS B 13 14.73 2.48 -3.44
N LEU B 14 13.57 2.25 -2.84
CA LEU B 14 13.49 1.90 -1.42
C LEU B 14 13.01 0.47 -1.23
N THR B 15 13.84 -0.35 -0.59
CA THR B 15 13.49 -1.74 -0.34
C THR B 15 12.47 -1.87 0.78
N HIS B 16 12.19 -0.75 1.44
CA HIS B 16 11.22 -0.74 2.54
C HIS B 16 10.02 -1.63 2.22
N ARG B 17 9.86 -2.69 3.00
CA ARG B 17 8.75 -3.61 2.80
C ARG B 17 7.44 -3.03 3.33
N LEU B 18 7.53 -1.84 3.90
CA LEU B 18 6.35 -1.16 4.45
C LEU B 18 5.21 -1.16 3.43
N PHE B 19 5.56 -1.25 2.15
CA PHE B 19 4.56 -1.25 1.09
C PHE B 19 3.45 -2.25 1.39
N ARG B 20 3.82 -3.53 1.48
CA ARG B 20 2.86 -4.59 1.77
C ARG B 20 2.96 -5.04 3.22
N ARG B 21 4.16 -4.98 3.78
CA ARG B 21 4.39 -5.39 5.16
C ARG B 21 3.64 -4.46 6.11
N ASN B 22 3.24 -3.29 5.63
CA ASN B 22 2.51 -2.33 6.44
C ASN B 22 1.16 -2.00 5.82
N PHE B 23 1.19 -1.28 4.70
CA PHE B 23 -0.04 -0.90 4.01
C PHE B 23 -0.71 -2.12 3.39
N GLY B 24 0.00 -3.24 3.40
CA GLY B 24 -0.55 -4.46 2.83
C GLY B 24 -1.21 -5.35 3.88
N TYR B 25 -0.63 -5.36 5.07
CA TYR B 25 -1.15 -6.17 6.17
C TYR B 25 -2.59 -5.79 6.48
N THR B 26 -2.97 -4.58 6.10
CA THR B 26 -4.33 -4.09 6.35
C THR B 26 -5.34 -4.80 5.46
N LEU B 27 -4.91 -5.16 4.25
CA LEU B 27 -5.78 -5.85 3.30
C LEU B 27 -6.40 -7.09 3.93
N ARG B 28 -5.68 -7.68 4.87
CA ARG B 28 -6.16 -8.88 5.56
C ARG B 28 -7.11 -8.52 6.68
N VAL A 1 2.08 -11.82 -2.72
CA VAL A 1 0.68 -11.68 -2.35
C VAL A 1 0.25 -10.22 -2.37
N ALA A 2 -0.42 -9.81 -3.44
CA ALA A 2 -0.89 -8.44 -3.59
C ALA A 2 -2.41 -8.38 -3.61
N ARG A 3 -3.02 -8.38 -2.43
CA ARG A 3 -4.47 -8.32 -2.31
C ARG A 3 -4.91 -7.07 -1.55
N GLY A 4 -3.97 -6.46 -0.82
CA GLY A 4 -4.28 -5.27 -0.05
C GLY A 4 -4.55 -4.08 -0.94
N TRP A 5 -4.14 -4.17 -2.20
CA TRP A 5 -4.34 -3.08 -3.15
C TRP A 5 -5.15 -3.55 -4.35
N LYS A 6 -5.37 -4.85 -4.44
CA LYS A 6 -6.13 -5.43 -5.54
C LYS A 6 -7.53 -5.86 -5.08
N ARG A 7 -7.66 -6.11 -3.78
CA ARG A 7 -8.93 -6.53 -3.20
C ARG A 7 -9.43 -5.52 -2.17
N LYS A 8 -8.49 -4.96 -1.40
CA LYS A 8 -8.82 -3.99 -0.37
C LYS A 8 -8.82 -2.57 -0.94
N CYS A 9 -9.74 -2.30 -1.85
CA CYS A 9 -9.84 -0.99 -2.48
C CYS A 9 -10.51 0.01 -1.54
N PRO A 10 -11.76 -0.30 -1.14
CA PRO A 10 -12.53 0.56 -0.24
C PRO A 10 -11.98 0.55 1.18
N LEU A 11 -11.01 -0.31 1.43
CA LEU A 11 -10.40 -0.42 2.75
C LEU A 11 -9.04 0.27 2.77
N PHE A 12 -8.06 -0.33 2.10
CA PHE A 12 -6.72 0.23 2.04
C PHE A 12 -6.73 1.61 1.41
N GLY A 13 -7.81 1.92 0.68
CA GLY A 13 -7.92 3.21 0.04
C GLY A 13 -8.95 4.10 0.70
N LYS A 14 -10.21 3.91 0.32
CA LYS A 14 -11.30 4.70 0.88
C LYS A 14 -11.22 4.73 2.40
N GLY A 15 -11.16 3.56 3.02
CA GLY A 15 -11.08 3.48 4.45
C GLY A 15 -9.88 4.22 5.01
N GLY A 16 -8.72 4.03 4.40
CA GLY A 16 -7.51 4.70 4.85
C GLY A 16 -7.68 6.20 4.93
N LYS B 1 -4.33 6.55 -3.04
CA LYS B 1 -4.06 5.87 -1.79
C LYS B 1 -3.03 4.75 -1.97
N TYR B 2 -3.43 3.70 -2.67
CA TYR B 2 -2.54 2.57 -2.92
C TYR B 2 -1.91 2.67 -4.30
N GLU B 3 -1.78 3.89 -4.80
CA GLU B 3 -1.19 4.12 -6.12
C GLU B 3 0.33 4.08 -6.04
N ILE B 4 0.85 3.87 -4.84
CA ILE B 4 2.29 3.80 -4.63
C ILE B 4 2.72 2.45 -4.07
N THR B 5 1.73 1.66 -3.66
CA THR B 5 2.00 0.34 -3.10
C THR B 5 1.44 -0.76 -3.99
N THR B 6 0.86 -0.36 -5.12
CA THR B 6 0.30 -1.31 -6.06
C THR B 6 1.04 -1.28 -7.39
N ILE B 7 1.52 -0.10 -7.77
CA ILE B 7 2.26 0.06 -9.02
C ILE B 7 3.67 0.56 -8.76
N HIS B 8 3.84 1.32 -7.68
CA HIS B 8 5.15 1.85 -7.32
C HIS B 8 5.74 1.10 -6.13
N ASN B 9 4.96 0.16 -5.59
CA ASN B 9 5.41 -0.63 -4.44
C ASN B 9 6.77 -1.26 -4.72
N LEU B 10 7.09 -1.43 -5.99
CA LEU B 10 8.36 -2.03 -6.38
C LEU B 10 9.53 -1.26 -5.78
N PHE B 11 9.33 0.03 -5.54
CA PHE B 11 10.37 0.88 -4.96
C PHE B 11 9.89 1.50 -3.65
N ARG B 12 8.97 0.82 -2.99
CA ARG B 12 8.42 1.30 -1.72
C ARG B 12 9.54 1.48 -0.69
N LYS B 13 10.63 0.75 -0.89
CA LYS B 13 11.77 0.82 0.03
C LYS B 13 12.68 2.00 -0.31
N LEU B 14 12.25 2.79 -1.29
CA LEU B 14 13.03 3.96 -1.72
C LEU B 14 12.81 5.13 -0.76
N THR B 15 11.66 5.78 -0.88
CA THR B 15 11.34 6.91 -0.02
C THR B 15 10.25 6.56 0.98
N HIS B 16 9.00 6.66 0.56
CA HIS B 16 7.87 6.36 1.43
C HIS B 16 8.04 4.98 2.07
N ARG B 17 8.42 4.96 3.34
CA ARG B 17 8.62 3.71 4.06
C ARG B 17 7.34 3.28 4.76
N LEU B 18 6.47 4.24 5.05
CA LEU B 18 5.20 3.95 5.72
C LEU B 18 4.28 3.16 4.81
N PHE B 19 4.63 3.09 3.53
CA PHE B 19 3.83 2.35 2.56
C PHE B 19 4.12 0.85 2.64
N ARG B 20 5.31 0.51 3.14
CA ARG B 20 5.71 -0.88 3.27
C ARG B 20 5.75 -1.31 4.73
N ARG B 21 6.13 -0.38 5.61
CA ARG B 21 6.20 -0.66 7.04
C ARG B 21 4.82 -0.60 7.68
N ASN B 22 3.90 0.09 7.02
CA ASN B 22 2.54 0.24 7.52
C ASN B 22 1.53 -0.34 6.53
N PHE B 23 1.61 0.11 5.29
CA PHE B 23 0.70 -0.37 4.25
C PHE B 23 1.28 -1.58 3.53
N GLY B 24 2.33 -2.14 4.10
CA GLY B 24 2.97 -3.31 3.50
C GLY B 24 2.77 -4.56 4.33
N TYR B 25 2.41 -4.38 5.59
CA TYR B 25 2.21 -5.51 6.49
C TYR B 25 1.25 -6.53 5.88
N THR B 26 0.33 -6.04 5.06
CA THR B 26 -0.65 -6.91 4.41
C THR B 26 0.05 -8.05 3.66
N LEU B 27 -0.07 -9.26 4.20
CA LEU B 27 0.54 -10.42 3.58
C LEU B 27 -0.51 -11.41 3.12
N ARG B 28 -1.68 -11.38 3.76
CA ARG B 28 -2.77 -12.28 3.43
C ARG B 28 -3.94 -11.50 2.83
N VAL A 1 -3.73 -12.59 -11.88
CA VAL A 1 -4.65 -11.46 -11.88
C VAL A 1 -4.36 -10.52 -10.72
N ALA A 2 -4.62 -9.23 -10.92
CA ALA A 2 -4.39 -8.23 -9.90
C ALA A 2 -5.49 -8.28 -8.83
N ARG A 3 -5.15 -8.87 -7.69
CA ARG A 3 -6.11 -8.98 -6.59
C ARG A 3 -5.61 -8.24 -5.35
N GLY A 4 -4.31 -7.95 -5.33
CA GLY A 4 -3.72 -7.25 -4.20
C GLY A 4 -4.17 -5.80 -4.13
N TRP A 5 -4.71 -5.29 -5.22
CA TRP A 5 -5.17 -3.91 -5.28
C TRP A 5 -6.65 -3.85 -5.65
N LYS A 6 -7.21 -5.00 -6.01
CA LYS A 6 -8.62 -5.07 -6.39
C LYS A 6 -9.46 -5.60 -5.23
N ARG A 7 -8.82 -6.29 -4.31
CA ARG A 7 -9.51 -6.86 -3.15
C ARG A 7 -9.25 -6.00 -1.90
N LYS A 8 -8.10 -5.34 -1.87
CA LYS A 8 -7.74 -4.50 -0.74
C LYS A 8 -8.56 -3.21 -0.73
N CYS A 9 -9.81 -3.31 -0.33
CA CYS A 9 -10.70 -2.15 -0.27
C CYS A 9 -10.36 -1.26 0.91
N PRO A 10 -10.46 -1.81 2.13
CA PRO A 10 -10.17 -1.08 3.36
C PRO A 10 -8.68 -0.79 3.53
N LEU A 11 -7.88 -1.36 2.64
CA LEU A 11 -6.43 -1.17 2.69
C LEU A 11 -5.99 -0.13 1.68
N PHE A 12 -6.08 -0.48 0.40
CA PHE A 12 -5.69 0.42 -0.67
C PHE A 12 -6.66 1.58 -0.80
N GLY A 13 -7.80 1.46 -0.11
CA GLY A 13 -8.80 2.51 -0.15
C GLY A 13 -8.44 3.70 0.71
N LYS A 14 -9.28 4.00 1.69
CA LYS A 14 -9.03 5.14 2.58
C LYS A 14 -8.35 4.67 3.87
N GLY A 15 -8.11 3.37 3.97
CA GLY A 15 -7.47 2.81 5.15
C GLY A 15 -6.03 2.41 4.88
N GLY A 16 -5.11 3.37 4.94
CA GLY A 16 -3.71 3.08 4.70
C GLY A 16 -3.05 2.41 5.88
N LYS B 1 -1.78 -11.52 -8.04
CA LYS B 1 -0.70 -11.00 -8.88
C LYS B 1 -0.52 -9.50 -8.66
N TYR B 2 0.36 -9.16 -7.73
CA TYR B 2 0.64 -7.75 -7.41
C TYR B 2 2.06 -7.38 -7.81
N GLU B 3 2.33 -7.43 -9.12
CA GLU B 3 3.66 -7.08 -9.62
C GLU B 3 3.57 -5.93 -10.63
N ILE B 4 2.36 -5.41 -10.82
CA ILE B 4 2.14 -4.32 -11.75
C ILE B 4 1.57 -3.10 -11.03
N THR B 5 0.82 -3.34 -9.97
CA THR B 5 0.20 -2.27 -9.19
C THR B 5 0.90 -2.09 -7.86
N THR B 6 1.85 -2.97 -7.56
CA THR B 6 2.60 -2.91 -6.31
C THR B 6 4.09 -2.77 -6.57
N ILE B 7 4.53 -3.19 -7.75
CA ILE B 7 5.93 -3.11 -8.12
C ILE B 7 6.49 -1.71 -7.90
N HIS B 8 5.68 -0.70 -8.23
CA HIS B 8 6.08 0.69 -8.05
C HIS B 8 5.83 1.16 -6.63
N ASN B 9 5.02 0.40 -5.89
CA ASN B 9 4.70 0.74 -4.52
C ASN B 9 5.70 0.13 -3.55
N LEU B 10 6.51 -0.81 -4.06
CA LEU B 10 7.51 -1.47 -3.24
C LEU B 10 8.77 -0.62 -3.12
N PHE B 11 8.75 0.55 -3.76
CA PHE B 11 9.89 1.46 -3.72
C PHE B 11 10.06 2.06 -2.33
N ARG B 12 10.54 1.25 -1.39
CA ARG B 12 10.75 1.71 -0.02
C ARG B 12 11.64 2.95 0.01
N LYS B 13 12.48 3.08 -1.00
CA LYS B 13 13.39 4.22 -1.08
C LYS B 13 12.61 5.52 -1.33
N LEU B 14 11.43 5.39 -1.94
CA LEU B 14 10.60 6.55 -2.22
C LEU B 14 10.43 7.42 -0.99
N THR B 15 9.58 6.98 -0.07
CA THR B 15 9.34 7.72 1.17
C THR B 15 9.76 6.92 2.39
N HIS B 16 8.80 6.27 3.02
CA HIS B 16 9.07 5.46 4.21
C HIS B 16 8.56 4.03 4.02
N ARG B 17 7.31 3.79 4.44
CA ARG B 17 6.71 2.47 4.32
C ARG B 17 5.38 2.55 3.59
N LEU B 18 5.39 2.19 2.30
CA LEU B 18 4.19 2.23 1.49
C LEU B 18 3.87 0.83 0.94
N PHE B 19 4.59 -0.16 1.42
CA PHE B 19 4.39 -1.54 0.98
C PHE B 19 4.02 -2.45 2.16
N ARG B 20 4.61 -2.16 3.31
CA ARG B 20 4.36 -2.94 4.52
C ARG B 20 3.42 -2.20 5.47
N ARG B 21 3.69 -0.90 5.65
CA ARG B 21 2.87 -0.08 6.53
C ARG B 21 1.56 0.33 5.86
N ASN B 22 1.45 0.01 4.57
CA ASN B 22 0.25 0.34 3.81
C ASN B 22 -0.41 -0.92 3.25
N PHE B 23 0.30 -1.62 2.38
CA PHE B 23 -0.21 -2.85 1.78
C PHE B 23 0.24 -4.08 2.57
N GLY B 24 0.75 -3.84 3.78
CA GLY B 24 1.21 -4.93 4.61
C GLY B 24 0.38 -5.07 5.87
N TYR B 25 -0.45 -4.08 6.16
CA TYR B 25 -1.29 -4.10 7.35
C TYR B 25 -2.23 -5.30 7.32
N THR B 26 -2.45 -5.86 6.13
CA THR B 26 -3.32 -7.01 5.96
C THR B 26 -2.96 -8.13 6.94
N LEU B 27 -1.66 -8.24 7.24
CA LEU B 27 -1.18 -9.26 8.17
C LEU B 27 -0.58 -8.63 9.42
N ARG B 28 -0.05 -7.42 9.26
CA ARG B 28 0.56 -6.70 10.37
C ARG B 28 -0.51 -6.16 11.32
N VAL A 1 5.78 9.95 -0.81
CA VAL A 1 4.33 10.15 -0.84
C VAL A 1 3.59 9.00 -0.18
N ALA A 2 3.59 8.99 1.15
CA ALA A 2 2.91 7.94 1.90
C ALA A 2 1.65 8.47 2.58
N ARG A 3 0.67 8.84 1.78
CA ARG A 3 -0.59 9.37 2.30
C ARG A 3 -1.77 8.51 1.86
N GLY A 4 -1.52 7.62 0.91
CA GLY A 4 -2.57 6.75 0.41
C GLY A 4 -2.84 5.58 1.33
N TRP A 5 -1.94 5.37 2.30
CA TRP A 5 -2.09 4.27 3.25
C TRP A 5 -2.09 4.79 4.68
N LYS A 6 -1.61 6.01 4.86
CA LYS A 6 -1.55 6.62 6.18
C LYS A 6 -2.93 7.13 6.60
N ARG A 7 -3.73 7.52 5.62
CA ARG A 7 -5.07 8.03 5.88
C ARG A 7 -6.13 7.12 5.27
N LYS A 8 -5.75 6.38 4.23
CA LYS A 8 -6.66 5.48 3.55
C LYS A 8 -6.25 4.02 3.78
N CYS A 9 -5.91 3.70 5.02
CA CYS A 9 -5.50 2.34 5.37
C CYS A 9 -6.69 1.39 5.36
N PRO A 10 -7.69 1.69 6.20
CA PRO A 10 -8.90 0.87 6.31
C PRO A 10 -9.78 0.97 5.07
N LEU A 11 -9.52 1.97 4.25
CA LEU A 11 -10.29 2.18 3.02
C LEU A 11 -9.60 1.54 1.83
N PHE A 12 -8.55 2.21 1.34
CA PHE A 12 -7.80 1.70 0.19
C PHE A 12 -7.26 0.30 0.46
N GLY A 13 -7.10 -0.03 1.75
CA GLY A 13 -6.60 -1.33 2.12
C GLY A 13 -7.62 -2.43 1.92
N LYS A 14 -8.50 -2.61 2.89
CA LYS A 14 -9.53 -3.64 2.81
C LYS A 14 -10.88 -3.03 2.45
N GLY A 15 -11.01 -1.72 2.67
CA GLY A 15 -12.25 -1.02 2.37
C GLY A 15 -12.59 -1.09 0.89
N GLY A 16 -11.59 -1.34 0.06
CA GLY A 16 -11.81 -1.42 -1.38
C GLY A 16 -12.19 -2.81 -1.83
N LYS B 1 -8.44 4.40 -6.89
CA LYS B 1 -7.34 3.84 -7.70
C LYS B 1 -6.03 3.90 -6.93
N TYR B 2 -5.47 2.74 -6.63
CA TYR B 2 -4.20 2.65 -5.92
C TYR B 2 -3.03 2.50 -6.88
N GLU B 3 -2.96 3.39 -7.87
CA GLU B 3 -1.90 3.35 -8.86
C GLU B 3 -1.10 4.66 -8.84
N ILE B 4 -1.43 5.54 -7.91
CA ILE B 4 -0.75 6.82 -7.78
C ILE B 4 -0.09 6.97 -6.41
N THR B 5 -0.79 6.52 -5.38
CA THR B 5 -0.28 6.60 -4.02
C THR B 5 0.39 5.29 -3.61
N THR B 6 0.34 4.30 -4.49
CA THR B 6 0.93 3.00 -4.22
C THR B 6 2.00 2.65 -5.25
N ILE B 7 1.95 3.32 -6.39
CA ILE B 7 2.91 3.08 -7.46
C ILE B 7 4.33 3.45 -7.01
N HIS B 8 4.43 4.54 -6.25
CA HIS B 8 5.72 5.01 -5.76
C HIS B 8 6.34 3.97 -4.82
N ASN B 9 5.52 3.05 -4.34
CA ASN B 9 5.99 2.01 -3.43
C ASN B 9 6.88 1.00 -4.16
N LEU B 10 6.90 1.10 -5.49
CA LEU B 10 7.71 0.21 -6.31
C LEU B 10 9.18 0.58 -6.23
N PHE B 11 9.48 1.69 -5.55
CA PHE B 11 10.85 2.15 -5.40
C PHE B 11 11.62 1.26 -4.42
N ARG B 12 11.93 0.04 -4.86
CA ARG B 12 12.66 -0.90 -4.02
C ARG B 12 13.94 -0.26 -3.47
N LYS B 13 14.54 0.63 -4.26
CA LYS B 13 15.76 1.30 -3.86
C LYS B 13 15.54 2.14 -2.60
N LEU B 14 14.34 2.70 -2.47
CA LEU B 14 13.99 3.52 -1.33
C LEU B 14 13.14 2.73 -0.34
N THR B 15 11.85 2.58 -0.65
CA THR B 15 10.94 1.85 0.22
C THR B 15 10.32 0.66 -0.52
N HIS B 16 10.55 -0.53 0.00
CA HIS B 16 10.01 -1.74 -0.60
C HIS B 16 9.10 -2.48 0.37
N ARG B 17 9.19 -2.12 1.65
CA ARG B 17 8.37 -2.74 2.68
C ARG B 17 7.50 -1.72 3.38
N LEU B 18 6.82 -0.89 2.59
CA LEU B 18 5.95 0.14 3.14
C LEU B 18 4.52 0.01 2.59
N PHE B 19 4.28 -1.09 1.87
CA PHE B 19 2.96 -1.34 1.29
C PHE B 19 2.40 -2.67 1.79
N ARG B 20 3.13 -3.74 1.54
CA ARG B 20 2.70 -5.08 1.96
C ARG B 20 3.31 -5.44 3.31
N ARG B 21 3.91 -4.46 3.96
CA ARG B 21 4.54 -4.68 5.27
C ARG B 21 3.52 -4.52 6.39
N ASN B 22 2.79 -3.40 6.37
CA ASN B 22 1.78 -3.14 7.39
C ASN B 22 0.41 -2.95 6.76
N PHE B 23 0.38 -2.39 5.56
CA PHE B 23 -0.87 -2.15 4.84
C PHE B 23 -1.26 -3.37 4.01
N GLY B 24 -0.39 -4.39 4.02
CA GLY B 24 -0.67 -5.60 3.27
C GLY B 24 -1.56 -6.56 4.02
N TYR B 25 -1.45 -6.58 5.34
CA TYR B 25 -2.26 -7.46 6.17
C TYR B 25 -3.74 -7.12 6.04
N THR B 26 -4.02 -5.91 5.58
CA THR B 26 -5.40 -5.46 5.41
C THR B 26 -6.20 -6.45 4.56
N LEU B 27 -5.52 -7.07 3.60
CA LEU B 27 -6.17 -8.05 2.73
C LEU B 27 -6.22 -9.43 3.37
N ARG B 28 -5.23 -9.72 4.20
CA ARG B 28 -5.15 -11.01 4.89
C ARG B 28 -5.30 -10.82 6.39
N VAL A 1 -0.22 9.04 6.60
CA VAL A 1 -1.59 8.57 6.76
C VAL A 1 -1.91 7.44 5.79
N ALA A 2 -1.61 6.21 6.21
CA ALA A 2 -1.86 5.03 5.38
C ALA A 2 -3.34 4.67 5.38
N ARG A 3 -4.09 5.25 4.44
CA ARG A 3 -5.52 4.98 4.34
C ARG A 3 -5.85 4.33 3.00
N GLY A 4 -4.97 4.50 2.02
CA GLY A 4 -5.18 3.93 0.71
C GLY A 4 -5.17 2.42 0.74
N TRP A 5 -4.63 1.85 1.81
CA TRP A 5 -4.55 0.39 1.94
C TRP A 5 -5.26 -0.07 3.21
N LYS A 6 -5.67 0.89 4.04
CA LYS A 6 -6.37 0.58 5.28
C LYS A 6 -7.87 0.82 5.15
N ARG A 7 -8.25 1.61 4.14
CA ARG A 7 -9.65 1.91 3.89
C ARG A 7 -10.16 1.20 2.64
N LYS A 8 -9.27 1.00 1.68
CA LYS A 8 -9.62 0.34 0.43
C LYS A 8 -9.86 -1.15 0.66
N CYS A 9 -11.05 -1.48 1.12
CA CYS A 9 -11.41 -2.88 1.38
C CYS A 9 -11.72 -3.61 0.08
N PRO A 10 -12.77 -3.13 -0.62
CA PRO A 10 -13.20 -3.73 -1.89
C PRO A 10 -12.20 -3.48 -3.02
N LEU A 11 -11.40 -2.42 -2.88
CA LEU A 11 -10.41 -2.07 -3.88
C LEU A 11 -9.20 -2.99 -3.79
N PHE A 12 -8.36 -2.76 -2.79
CA PHE A 12 -7.17 -3.58 -2.59
C PHE A 12 -7.53 -5.03 -2.29
N GLY A 13 -8.79 -5.25 -1.92
CA GLY A 13 -9.24 -6.60 -1.62
C GLY A 13 -9.80 -7.30 -2.84
N LYS A 14 -11.03 -6.99 -3.21
CA LYS A 14 -11.67 -7.59 -4.36
C LYS A 14 -10.98 -7.18 -5.65
N GLY A 15 -10.60 -5.91 -5.72
CA GLY A 15 -9.93 -5.41 -6.91
C GLY A 15 -8.50 -5.90 -7.03
N GLY A 16 -7.91 -6.26 -5.88
CA GLY A 16 -6.54 -6.74 -5.88
C GLY A 16 -6.37 -8.03 -6.67
N LYS B 1 -7.46 7.04 -4.94
CA LYS B 1 -7.62 5.98 -3.94
C LYS B 1 -6.31 5.74 -3.20
N TYR B 2 -5.37 5.08 -3.87
CA TYR B 2 -4.08 4.77 -3.26
C TYR B 2 -2.99 5.63 -3.89
N GLU B 3 -2.86 6.86 -3.41
CA GLU B 3 -1.84 7.78 -3.92
C GLU B 3 -0.77 8.05 -2.86
N ILE B 4 -0.96 7.47 -1.68
CA ILE B 4 -0.01 7.64 -0.58
C ILE B 4 0.61 6.31 -0.16
N THR B 5 -0.08 5.22 -0.48
CA THR B 5 0.39 3.89 -0.15
C THR B 5 0.93 3.16 -1.38
N THR B 6 0.73 3.76 -2.55
CA THR B 6 1.19 3.17 -3.80
C THR B 6 2.29 4.02 -4.43
N ILE B 7 2.29 5.31 -4.12
CA ILE B 7 3.29 6.23 -4.66
C ILE B 7 4.69 5.83 -4.21
N HIS B 8 4.81 5.38 -2.96
CA HIS B 8 6.09 4.98 -2.42
C HIS B 8 6.64 3.75 -3.16
N ASN B 9 5.78 3.10 -3.93
CA ASN B 9 6.16 1.92 -4.70
C ASN B 9 7.22 2.28 -5.74
N LEU B 10 7.39 3.57 -5.99
CA LEU B 10 8.35 4.04 -6.97
C LEU B 10 9.78 3.92 -6.44
N PHE B 11 9.90 3.50 -5.18
CA PHE B 11 11.20 3.33 -4.55
C PHE B 11 11.95 2.16 -5.16
N ARG B 12 12.62 2.41 -6.28
CA ARG B 12 13.39 1.38 -6.97
C ARG B 12 14.23 0.58 -5.99
N LYS B 13 14.74 1.26 -4.96
CA LYS B 13 15.57 0.62 -3.95
C LYS B 13 14.75 -0.39 -3.14
N LEU B 14 13.54 -0.01 -2.78
CA LEU B 14 12.66 -0.88 -2.00
C LEU B 14 11.62 -1.53 -2.90
N THR B 15 11.76 -2.84 -3.09
CA THR B 15 10.83 -3.59 -3.93
C THR B 15 9.38 -3.35 -3.51
N HIS B 16 8.87 -4.21 -2.64
CA HIS B 16 7.50 -4.08 -2.17
C HIS B 16 7.45 -4.08 -0.64
N ARG B 17 8.62 -4.05 -0.02
CA ARG B 17 8.72 -4.05 1.44
C ARG B 17 7.92 -2.90 2.04
N LEU B 18 7.87 -1.78 1.32
CA LEU B 18 7.13 -0.61 1.77
C LEU B 18 5.74 -0.55 1.14
N PHE B 19 5.27 -1.70 0.65
CA PHE B 19 3.96 -1.78 0.03
C PHE B 19 3.08 -2.78 0.75
N ARG B 20 3.69 -3.85 1.26
CA ARG B 20 2.95 -4.88 1.99
C ARG B 20 3.41 -4.97 3.44
N ARG B 21 4.73 -4.90 3.64
CA ARG B 21 5.29 -4.97 4.98
C ARG B 21 5.17 -3.63 5.69
N ASN B 22 4.64 -2.63 4.98
CA ASN B 22 4.47 -1.30 5.54
C ASN B 22 3.00 -0.89 5.56
N PHE B 23 2.42 -0.74 4.36
CA PHE B 23 1.02 -0.35 4.23
C PHE B 23 0.11 -1.58 4.35
N GLY B 24 0.72 -2.74 4.60
CA GLY B 24 -0.05 -3.96 4.73
C GLY B 24 0.12 -4.60 6.09
N TYR B 25 1.19 -4.24 6.79
CA TYR B 25 1.47 -4.79 8.10
C TYR B 25 0.33 -4.50 9.07
N THR B 26 -0.41 -3.43 8.81
CA THR B 26 -1.53 -3.04 9.65
C THR B 26 -2.53 -4.18 9.80
N LEU B 27 -2.79 -4.88 8.70
CA LEU B 27 -3.72 -6.00 8.71
C LEU B 27 -3.24 -7.11 9.64
N ARG B 28 -1.92 -7.18 9.84
CA ARG B 28 -1.32 -8.19 10.70
C ARG B 28 -0.95 -7.59 12.05
N VAL A 1 -0.87 10.92 -2.39
CA VAL A 1 -1.45 10.09 -3.45
C VAL A 1 -1.97 8.77 -2.90
N ALA A 2 -3.15 8.81 -2.28
CA ALA A 2 -3.74 7.60 -1.71
C ALA A 2 -4.92 7.13 -2.55
N ARG A 3 -4.63 6.76 -3.80
CA ARG A 3 -5.67 6.28 -4.71
C ARG A 3 -5.34 4.88 -5.21
N GLY A 4 -4.15 4.40 -4.88
CA GLY A 4 -3.75 3.07 -5.30
C GLY A 4 -4.10 2.01 -4.27
N TRP A 5 -4.61 2.44 -3.13
CA TRP A 5 -4.99 1.52 -2.06
C TRP A 5 -6.47 1.68 -1.71
N LYS A 6 -7.13 2.62 -2.37
CA LYS A 6 -8.55 2.86 -2.13
C LYS A 6 -9.36 2.65 -3.40
N ARG A 7 -8.67 2.51 -4.52
CA ARG A 7 -9.33 2.30 -5.80
C ARG A 7 -9.41 0.81 -6.14
N LYS A 8 -8.48 0.04 -5.59
CA LYS A 8 -8.44 -1.40 -5.84
C LYS A 8 -9.30 -2.14 -4.82
N CYS A 9 -8.76 -2.35 -3.63
CA CYS A 9 -9.49 -3.05 -2.57
C CYS A 9 -9.55 -2.19 -1.31
N PRO A 10 -10.74 -2.14 -0.70
CA PRO A 10 -10.97 -1.36 0.52
C PRO A 10 -10.27 -1.97 1.74
N LEU A 11 -9.13 -2.59 1.50
CA LEU A 11 -8.36 -3.22 2.57
C LEU A 11 -6.94 -2.65 2.64
N PHE A 12 -6.39 -2.34 1.46
CA PHE A 12 -5.04 -1.79 1.38
C PHE A 12 -5.03 -0.31 1.78
N GLY A 13 -6.21 0.29 1.81
CA GLY A 13 -6.32 1.69 2.17
C GLY A 13 -7.15 1.90 3.43
N LYS A 14 -8.46 2.08 3.24
CA LYS A 14 -9.37 2.30 4.36
C LYS A 14 -9.32 1.12 5.33
N GLY A 15 -8.86 -0.02 4.86
CA GLY A 15 -8.77 -1.20 5.69
C GLY A 15 -8.03 -0.93 6.98
N GLY A 16 -7.11 0.03 6.94
CA GLY A 16 -6.33 0.36 8.13
C GLY A 16 -7.22 0.66 9.34
N LYS B 1 -5.15 -6.61 -5.93
CA LYS B 1 -4.28 -6.51 -7.09
C LYS B 1 -3.57 -5.16 -7.14
N TYR B 2 -2.52 -5.02 -6.34
CA TYR B 2 -1.76 -3.77 -6.29
C TYR B 2 -0.41 -3.93 -7.00
N GLU B 3 -0.45 -4.19 -8.30
CA GLU B 3 0.76 -4.36 -9.08
C GLU B 3 0.87 -3.27 -10.16
N ILE B 4 -0.07 -2.34 -10.14
CA ILE B 4 -0.08 -1.25 -11.11
C ILE B 4 0.02 0.10 -10.41
N THR B 5 -0.57 0.19 -9.22
CA THR B 5 -0.55 1.43 -8.46
C THR B 5 0.59 1.43 -7.44
N THR B 6 1.33 0.33 -7.39
CA THR B 6 2.44 0.20 -6.46
C THR B 6 3.76 -0.03 -7.21
N ILE B 7 3.66 -0.67 -8.37
CA ILE B 7 4.84 -0.95 -9.19
C ILE B 7 5.64 0.32 -9.45
N HIS B 8 4.94 1.42 -9.73
CA HIS B 8 5.59 2.70 -9.99
C HIS B 8 5.49 3.61 -8.78
N ASN B 9 4.81 3.14 -7.73
CA ASN B 9 4.65 3.93 -6.52
C ASN B 9 5.55 3.40 -5.40
N LEU B 10 6.40 2.44 -5.75
CA LEU B 10 7.32 1.85 -4.79
C LEU B 10 8.62 2.64 -4.71
N PHE B 11 9.04 3.19 -5.85
CA PHE B 11 10.27 3.98 -5.91
C PHE B 11 10.27 5.08 -4.86
N ARG B 12 9.21 5.88 -4.86
CA ARG B 12 9.10 6.98 -3.90
C ARG B 12 9.29 6.48 -2.48
N LYS B 13 8.77 5.28 -2.20
CA LYS B 13 8.88 4.69 -0.87
C LYS B 13 9.59 3.34 -0.93
N LEU B 14 10.80 3.34 -1.49
CA LEU B 14 11.60 2.13 -1.61
C LEU B 14 11.54 1.32 -0.31
N THR B 15 11.47 2.02 0.80
CA THR B 15 11.40 1.36 2.10
C THR B 15 10.37 0.25 2.12
N HIS B 16 10.82 -0.96 2.42
CA HIS B 16 9.93 -2.12 2.47
C HIS B 16 9.34 -2.29 3.87
N ARG B 17 9.05 -1.17 4.52
CA ARG B 17 8.48 -1.20 5.87
C ARG B 17 7.14 -0.48 5.90
N LEU B 18 6.98 0.51 5.04
CA LEU B 18 5.74 1.27 4.96
C LEU B 18 4.81 0.71 3.89
N PHE B 19 5.02 -0.56 3.54
CA PHE B 19 4.21 -1.21 2.52
C PHE B 19 3.39 -2.36 3.13
N ARG B 20 4.01 -3.07 4.07
CA ARG B 20 3.35 -4.20 4.72
C ARG B 20 2.99 -3.85 6.16
N ARG B 21 3.81 -3.02 6.79
CA ARG B 21 3.57 -2.61 8.17
C ARG B 21 2.58 -1.45 8.23
N ASN B 22 2.29 -0.87 7.07
CA ASN B 22 1.35 0.24 7.00
C ASN B 22 0.17 -0.10 6.09
N PHE B 23 0.47 -0.38 4.82
CA PHE B 23 -0.57 -0.71 3.85
C PHE B 23 -0.84 -2.22 3.86
N GLY B 24 -0.19 -2.93 4.77
CA GLY B 24 -0.38 -4.37 4.87
C GLY B 24 -0.93 -4.80 6.22
N TYR B 25 -0.69 -3.98 7.23
CA TYR B 25 -1.15 -4.28 8.58
C TYR B 25 -2.66 -4.55 8.59
N THR B 26 -3.37 -3.95 7.63
CA THR B 26 -4.80 -4.12 7.53
C THR B 26 -5.19 -5.60 7.52
N LEU B 27 -4.41 -6.41 6.80
CA LEU B 27 -4.67 -7.84 6.71
C LEU B 27 -3.51 -8.63 7.29
N ARG B 28 -3.56 -8.86 8.61
CA ARG B 28 -2.52 -9.61 9.29
C ARG B 28 -3.00 -11.00 9.68
#